data_3V5H
#
_entry.id   3V5H
#
_cell.length_a   62.798
_cell.length_b   87.604
_cell.length_c   79.769
_cell.angle_alpha   90.000
_cell.angle_beta   89.960
_cell.angle_gamma   90.000
#
_symmetry.space_group_name_H-M   'P 1 21 1'
#
loop_
_entity.id
_entity.type
_entity.pdbx_description
1 polymer 'HLA class I histocompatibility antigen, A-2 alpha chain'
2 polymer Beta-2-microglobulin
3 polymer 'HIV-based altered-peptide ligand KVAEIVHFL'
4 non-polymer GLYCEROL
5 water water
#
loop_
_entity_poly.entity_id
_entity_poly.type
_entity_poly.pdbx_seq_one_letter_code
_entity_poly.pdbx_strand_id
1 'polypeptide(L)'
;GSHSMRYFFTSVSRPGRGEPRFIAVGYVDDTQFVRFDSDAASQRMEPRAPWIEQEGPEYWDGETRKVKAHSQTHRVDLGT
LRGYYNQSEAGSHTVQRMYGCDVGSDWRFLRGYHQYAYDGKDYIALKEDLRSWTAADMAAQTTKHKWEAAHVAEQLRAYL
EGTCVEWLRRYLENGKETLQRTDAPKTHMTHHAVSDHEATLRCWALSFYPAEITLTWQRDGEDQTQDTELVETRPAGDGT
FQKWAAVVVPSGQEQRYTCHVQHEGLPKPLTLRWE
;
A,D
2 'polypeptide(L)'
;MIQRTPKIQVYSRHPAENGKSNFLNCYVSGFHPSDIEVDLLKNGERIEKVEHSDLSFSKDWSFYLLYYTEFTPTEKDEYA
CRVNHVTLSQPKIVKWDRDM
;
B,E
3 'polypeptide(L)' KVAEIVHFL C,F
#
# COMPACT_ATOMS: atom_id res chain seq x y z
N GLY A 1 -30.65 6.56 -1.71
CA GLY A 1 -30.38 7.28 -2.95
C GLY A 1 -29.00 6.98 -3.52
N SER A 2 -28.36 7.96 -4.19
CA SER A 2 -27.02 7.80 -4.77
C SER A 2 -25.95 7.77 -3.66
N HIS A 3 -24.79 7.19 -3.95
CA HIS A 3 -23.68 7.17 -3.02
C HIS A 3 -22.41 7.45 -3.79
N SER A 4 -21.42 7.98 -3.04
CA SER A 4 -20.12 8.25 -3.63
C SER A 4 -18.96 7.79 -2.75
N MET A 5 -17.78 7.56 -3.39
CA MET A 5 -16.55 7.33 -2.67
C MET A 5 -15.57 8.32 -3.26
N ARG A 6 -14.82 9.01 -2.39
CA ARG A 6 -13.84 10.00 -2.87
C ARG A 6 -12.56 9.91 -2.08
N TYR A 7 -11.42 10.08 -2.79
CA TYR A 7 -10.12 10.15 -2.13
C TYR A 7 -9.55 11.52 -2.47
N PHE A 8 -8.99 12.20 -1.46
CA PHE A 8 -8.44 13.55 -1.58
C PHE A 8 -6.98 13.51 -1.16
N PHE A 9 -6.06 13.95 -2.03
CA PHE A 9 -4.62 13.92 -1.73
C PHE A 9 -4.05 15.31 -1.87
N THR A 10 -3.30 15.76 -0.85
CA THR A 10 -2.64 17.06 -0.87
C THR A 10 -1.14 16.84 -0.67
N SER A 11 -0.35 17.49 -1.52
CA SER A 11 1.10 17.44 -1.59
C SER A 11 1.64 18.88 -1.53
N VAL A 12 2.42 19.24 -0.48
CA VAL A 12 2.92 20.62 -0.31
C VAL A 12 4.43 20.62 -0.21
N SER A 13 5.14 21.30 -1.13
CA SER A 13 6.60 21.33 -0.99
C SER A 13 7.00 22.25 0.16
N ARG A 14 8.12 21.91 0.81
CA ARG A 14 8.63 22.64 1.95
C ARG A 14 10.12 23.00 1.74
N PRO A 15 10.39 24.09 0.98
CA PRO A 15 11.79 24.51 0.69
C PRO A 15 12.70 24.55 1.90
N GLY A 16 13.84 23.87 1.79
CA GLY A 16 14.86 23.79 2.84
C GLY A 16 14.41 23.05 4.09
N ARG A 17 13.29 22.32 4.01
CA ARG A 17 12.74 21.56 5.13
C ARG A 17 12.62 20.07 4.83
N GLY A 18 13.23 19.66 3.72
CA GLY A 18 13.26 18.26 3.29
C GLY A 18 12.05 17.80 2.51
N GLU A 19 11.48 16.66 2.90
CA GLU A 19 10.39 16.03 2.20
C GLU A 19 9.08 16.85 2.15
N PRO A 20 8.36 16.81 1.02
CA PRO A 20 7.07 17.51 0.98
C PRO A 20 6.05 16.89 1.94
N ARG A 21 5.11 17.68 2.44
CA ARG A 21 4.03 17.13 3.27
C ARG A 21 3.07 16.36 2.31
N PHE A 22 2.51 15.23 2.75
CA PHE A 22 1.56 14.48 1.94
C PHE A 22 0.45 14.02 2.85
N ILE A 23 -0.80 14.39 2.54
CA ILE A 23 -1.95 13.97 3.34
C ILE A 23 -2.95 13.33 2.41
N ALA A 24 -3.50 12.17 2.81
CA ALA A 24 -4.55 11.53 2.01
C ALA A 24 -5.72 11.29 2.93
N VAL A 25 -6.94 11.48 2.42
CA VAL A 25 -8.16 11.18 3.19
C VAL A 25 -9.16 10.50 2.27
N GLY A 26 -9.93 9.56 2.81
CA GLY A 26 -10.96 8.91 2.01
C GLY A 26 -12.31 9.10 2.66
N TYR A 27 -13.35 9.26 1.84
CA TYR A 27 -14.74 9.45 2.31
C TYR A 27 -15.66 8.52 1.57
N VAL A 28 -16.74 8.09 2.26
CA VAL A 28 -17.90 7.45 1.64
C VAL A 28 -18.99 8.48 1.96
N ASP A 29 -19.61 9.05 0.92
CA ASP A 29 -20.61 10.12 1.11
C ASP A 29 -19.96 11.21 1.98
N ASP A 30 -20.63 11.64 3.08
CA ASP A 30 -20.06 12.68 3.95
C ASP A 30 -19.36 12.11 5.19
N THR A 31 -18.89 10.85 5.12
CA THR A 31 -18.25 10.20 6.27
C THR A 31 -16.81 9.86 5.95
N GLN A 32 -15.85 10.47 6.68
CA GLN A 32 -14.45 10.10 6.45
C GLN A 32 -14.20 8.72 7.02
N PHE A 33 -13.34 7.91 6.34
CA PHE A 33 -13.07 6.56 6.85
C PHE A 33 -11.60 6.19 6.92
N VAL A 34 -10.72 6.89 6.19
CA VAL A 34 -9.27 6.62 6.24
C VAL A 34 -8.47 7.89 6.16
N ARG A 35 -7.22 7.79 6.59
CA ARG A 35 -6.28 8.87 6.46
C ARG A 35 -4.85 8.32 6.34
N PHE A 36 -3.97 9.12 5.73
CA PHE A 36 -2.52 8.91 5.73
C PHE A 36 -1.92 10.29 5.90
N ASP A 37 -0.95 10.44 6.81
CA ASP A 37 -0.27 11.72 7.03
C ASP A 37 1.23 11.46 7.05
N SER A 38 1.98 11.98 6.05
CA SER A 38 3.44 11.81 5.96
C SER A 38 4.19 12.21 7.23
N ASP A 39 3.62 13.16 8.00
CA ASP A 39 4.24 13.69 9.23
C ASP A 39 3.98 12.86 10.50
N ALA A 40 2.99 11.95 10.46
CA ALA A 40 2.64 11.08 11.60
C ALA A 40 3.66 9.96 11.79
N ALA A 41 3.67 9.35 12.98
CA ALA A 41 4.63 8.31 13.31
C ALA A 41 4.41 6.97 12.61
N SER A 42 3.15 6.53 12.47
CA SER A 42 2.81 5.21 11.91
C SER A 42 3.31 4.92 10.50
N GLN A 43 3.24 5.93 9.58
CA GLN A 43 3.61 5.75 8.18
C GLN A 43 2.69 4.69 7.58
N ARG A 44 1.45 4.68 8.05
CA ARG A 44 0.44 3.74 7.55
C ARG A 44 -0.87 4.41 7.28
N MET A 45 -1.67 3.80 6.39
CA MET A 45 -3.06 4.24 6.22
C MET A 45 -3.76 3.80 7.51
N GLU A 46 -4.60 4.68 8.05
CA GLU A 46 -5.27 4.41 9.34
C GLU A 46 -6.76 4.58 9.22
N PRO A 47 -7.52 3.85 10.08
CA PRO A 47 -8.98 4.01 10.07
C PRO A 47 -9.43 5.29 10.75
N ARG A 48 -10.54 5.86 10.23
CA ARG A 48 -11.14 7.06 10.83
C ARG A 48 -12.66 6.85 10.99
N ALA A 49 -13.15 5.62 10.77
CA ALA A 49 -14.56 5.24 10.96
C ALA A 49 -14.61 3.87 11.65
N PRO A 50 -15.54 3.61 12.58
CA PRO A 50 -15.49 2.32 13.30
C PRO A 50 -15.71 1.08 12.45
N TRP A 51 -16.52 1.19 11.38
CA TRP A 51 -16.90 0.09 10.50
C TRP A 51 -15.76 -0.38 9.60
N ILE A 52 -14.59 0.32 9.60
CA ILE A 52 -13.44 -0.15 8.79
C ILE A 52 -12.26 -0.60 9.70
N GLU A 53 -12.35 -0.31 11.03
CA GLU A 53 -11.27 -0.63 11.97
C GLU A 53 -10.84 -2.10 11.97
N GLN A 54 -11.81 -3.00 11.77
CA GLN A 54 -11.54 -4.44 11.84
C GLN A 54 -11.39 -5.09 10.49
N GLU A 55 -11.11 -4.30 9.44
CA GLU A 55 -10.94 -4.84 8.09
C GLU A 55 -9.82 -5.88 7.96
N GLY A 56 -8.81 -5.77 8.81
CA GLY A 56 -7.76 -6.79 8.82
C GLY A 56 -6.44 -6.35 8.21
N PRO A 57 -5.34 -7.09 8.54
CA PRO A 57 -4.01 -6.69 8.07
C PRO A 57 -3.78 -6.69 6.57
N GLU A 58 -4.42 -7.62 5.84
CA GLU A 58 -4.21 -7.63 4.40
C GLU A 58 -4.75 -6.32 3.83
N TYR A 59 -5.93 -5.90 4.30
CA TYR A 59 -6.50 -4.64 3.84
C TYR A 59 -5.58 -3.47 4.19
N TRP A 60 -5.21 -3.32 5.48
CA TRP A 60 -4.38 -2.18 5.91
C TRP A 60 -3.00 -2.15 5.31
N ASP A 61 -2.34 -3.32 5.19
CA ASP A 61 -1.02 -3.36 4.56
C ASP A 61 -1.12 -2.91 3.10
N GLY A 62 -2.18 -3.35 2.42
CA GLY A 62 -2.42 -3.02 1.01
C GLY A 62 -2.66 -1.53 0.82
N GLU A 63 -3.54 -0.94 1.65
CA GLU A 63 -3.79 0.51 1.56
C GLU A 63 -2.54 1.31 1.88
N THR A 64 -1.75 0.82 2.86
CA THR A 64 -0.48 1.47 3.25
C THR A 64 0.49 1.45 2.05
N ARG A 65 0.67 0.26 1.45
CA ARG A 65 1.57 0.08 0.31
C ARG A 65 1.21 1.04 -0.85
N LYS A 66 -0.06 1.05 -1.25
CA LYS A 66 -0.53 1.89 -2.34
C LYS A 66 -0.43 3.37 -2.07
N VAL A 67 -0.79 3.81 -0.85
CA VAL A 67 -0.75 5.25 -0.51
C VAL A 67 0.70 5.76 -0.44
N LYS A 68 1.67 4.88 -0.05
CA LYS A 68 3.08 5.27 -0.08
C LYS A 68 3.53 5.48 -1.53
N ALA A 69 3.06 4.63 -2.47
CA ALA A 69 3.32 4.76 -3.92
C ALA A 69 2.70 6.06 -4.45
N HIS A 70 1.51 6.47 -3.93
CA HIS A 70 0.90 7.76 -4.32
C HIS A 70 1.84 8.88 -3.87
N SER A 71 2.30 8.79 -2.60
CA SER A 71 3.18 9.79 -2.01
C SER A 71 4.41 10.00 -2.87
N GLN A 72 5.03 8.90 -3.32
CA GLN A 72 6.23 8.96 -4.15
C GLN A 72 5.96 9.63 -5.50
N THR A 73 4.78 9.35 -6.12
CA THR A 73 4.47 10.00 -7.40
C THR A 73 4.36 11.51 -7.18
N HIS A 74 3.64 11.92 -6.14
CA HIS A 74 3.48 13.35 -5.82
C HIS A 74 4.82 14.06 -5.49
N ARG A 75 5.75 13.35 -4.79
CA ARG A 75 7.05 13.95 -4.51
C ARG A 75 7.79 14.31 -5.82
N VAL A 76 7.72 13.41 -6.82
CA VAL A 76 8.35 13.64 -8.12
C VAL A 76 7.58 14.73 -8.90
N ASP A 77 6.22 14.65 -8.89
CA ASP A 77 5.36 15.62 -9.59
C ASP A 77 5.65 17.06 -9.24
N LEU A 78 5.91 17.33 -7.95
CA LEU A 78 6.24 18.66 -7.45
C LEU A 78 7.45 19.23 -8.16
N GLY A 79 8.49 18.39 -8.36
CA GLY A 79 9.70 18.78 -9.08
C GLY A 79 9.43 18.97 -10.56
N THR A 80 8.60 18.08 -11.16
CA THR A 80 8.22 18.15 -12.58
C THR A 80 7.50 19.47 -12.88
N LEU A 81 6.50 19.83 -12.05
CA LEU A 81 5.74 21.09 -12.24
C LEU A 81 6.56 22.33 -12.01
N ARG A 82 7.50 22.29 -11.04
CA ARG A 82 8.41 23.40 -10.75
C ARG A 82 9.20 23.69 -12.03
N GLY A 83 9.54 22.63 -12.76
CA GLY A 83 10.25 22.69 -14.02
C GLY A 83 9.39 23.22 -15.16
N TYR A 84 8.15 22.68 -15.31
CA TYR A 84 7.21 23.11 -16.37
C TYR A 84 6.86 24.60 -16.28
N TYR A 85 6.75 25.15 -15.05
CA TYR A 85 6.42 26.56 -14.87
C TYR A 85 7.64 27.45 -14.65
N ASN A 86 8.84 26.87 -14.76
CA ASN A 86 10.14 27.56 -14.60
C ASN A 86 10.16 28.33 -13.26
N GLN A 87 9.85 27.60 -12.16
CA GLN A 87 9.77 28.18 -10.83
C GLN A 87 11.03 27.92 -10.01
N SER A 88 11.32 28.83 -9.07
CA SER A 88 12.44 28.75 -8.14
C SER A 88 12.21 27.66 -7.07
N GLU A 89 13.31 27.22 -6.41
CA GLU A 89 13.31 26.22 -5.35
C GLU A 89 12.87 26.84 -4.01
N ALA A 90 12.93 28.18 -3.90
CA ALA A 90 12.63 28.95 -2.71
C ALA A 90 11.17 28.94 -2.22
N GLY A 91 10.23 28.76 -3.14
CA GLY A 91 8.80 28.81 -2.86
C GLY A 91 8.08 27.49 -2.67
N SER A 92 7.04 27.50 -1.81
CA SER A 92 6.21 26.33 -1.52
C SER A 92 5.09 26.23 -2.57
N HIS A 93 4.85 25.01 -3.05
CA HIS A 93 3.82 24.76 -4.04
C HIS A 93 2.96 23.55 -3.69
N THR A 94 1.71 23.61 -4.17
CA THR A 94 0.73 22.62 -3.70
C THR A 94 0.21 21.86 -4.90
N VAL A 95 0.17 20.54 -4.77
CA VAL A 95 -0.46 19.67 -5.76
C VAL A 95 -1.63 18.98 -5.05
N GLN A 96 -2.79 18.89 -5.71
CA GLN A 96 -3.96 18.23 -5.13
C GLN A 96 -4.50 17.28 -6.17
N ARG A 97 -4.89 16.09 -5.74
CA ARG A 97 -5.48 15.09 -6.61
C ARG A 97 -6.79 14.62 -5.96
N MET A 98 -7.85 14.49 -6.74
CA MET A 98 -9.09 13.91 -6.20
C MET A 98 -9.55 12.89 -7.23
N TYR A 99 -10.00 11.72 -6.77
CA TYR A 99 -10.62 10.74 -7.63
C TYR A 99 -11.66 9.95 -6.88
N GLY A 100 -12.57 9.34 -7.62
CA GLY A 100 -13.61 8.56 -6.99
C GLY A 100 -14.74 8.24 -7.94
N CYS A 101 -15.81 7.69 -7.37
CA CYS A 101 -16.94 7.19 -8.15
C CYS A 101 -18.28 7.47 -7.47
N ASP A 102 -19.34 7.52 -8.28
CA ASP A 102 -20.74 7.70 -7.86
C ASP A 102 -21.50 6.47 -8.35
N VAL A 103 -22.41 5.96 -7.53
CA VAL A 103 -23.32 4.86 -7.88
C VAL A 103 -24.77 5.35 -7.69
N GLY A 104 -25.70 4.74 -8.43
CA GLY A 104 -27.11 5.08 -8.31
C GLY A 104 -27.84 4.31 -7.22
N SER A 105 -29.18 4.45 -7.14
CA SER A 105 -30.00 3.76 -6.12
C SER A 105 -29.76 2.24 -6.04
N ASP A 106 -29.56 1.61 -7.21
CA ASP A 106 -29.30 0.19 -7.44
C ASP A 106 -27.83 -0.18 -7.23
N TRP A 107 -27.01 0.83 -6.88
CA TRP A 107 -25.57 0.74 -6.61
C TRP A 107 -24.71 0.38 -7.84
N ARG A 108 -25.22 0.61 -9.07
CA ARG A 108 -24.33 0.38 -10.21
C ARG A 108 -23.65 1.69 -10.59
N PHE A 109 -22.48 1.60 -11.25
CA PHE A 109 -21.69 2.75 -11.69
C PHE A 109 -22.49 3.83 -12.36
N LEU A 110 -22.29 5.08 -11.92
CA LEU A 110 -22.95 6.26 -12.48
C LEU A 110 -21.93 7.21 -13.13
N ARG A 111 -20.88 7.61 -12.38
CA ARG A 111 -19.87 8.55 -12.84
C ARG A 111 -18.53 8.26 -12.16
N GLY A 112 -17.44 8.62 -12.86
CA GLY A 112 -16.08 8.53 -12.35
C GLY A 112 -15.41 9.88 -12.47
N TYR A 113 -14.43 10.15 -11.62
CA TYR A 113 -13.68 11.42 -11.59
C TYR A 113 -12.23 11.12 -11.33
N HIS A 114 -11.36 11.95 -11.90
CA HIS A 114 -9.95 11.97 -11.64
C HIS A 114 -9.42 13.31 -12.10
N GLN A 115 -8.97 14.10 -11.11
CA GLN A 115 -8.53 15.45 -11.43
C GLN A 115 -7.43 15.95 -10.55
N TYR A 116 -6.63 16.87 -11.12
CA TYR A 116 -5.49 17.45 -10.44
C TYR A 116 -5.54 18.95 -10.48
N ALA A 117 -4.94 19.57 -9.45
CA ALA A 117 -4.78 21.02 -9.36
C ALA A 117 -3.37 21.34 -8.95
N TYR A 118 -2.84 22.46 -9.47
CA TYR A 118 -1.52 22.94 -9.09
C TYR A 118 -1.73 24.35 -8.58
N ASP A 119 -1.26 24.61 -7.33
CA ASP A 119 -1.40 25.90 -6.68
C ASP A 119 -2.83 26.46 -6.71
N GLY A 120 -3.77 25.56 -6.42
CA GLY A 120 -5.16 25.96 -6.32
C GLY A 120 -5.97 26.11 -7.56
N LYS A 121 -5.37 25.84 -8.72
CA LYS A 121 -6.09 25.94 -9.98
C LYS A 121 -6.03 24.63 -10.74
N ASP A 122 -7.08 24.34 -11.52
CA ASP A 122 -7.17 23.13 -12.34
C ASP A 122 -5.91 22.97 -13.16
N TYR A 123 -5.41 21.72 -13.23
CA TYR A 123 -4.23 21.42 -14.02
C TYR A 123 -4.69 20.46 -15.13
N ILE A 124 -5.13 19.25 -14.74
CA ILE A 124 -5.64 18.25 -15.69
C ILE A 124 -6.79 17.48 -15.06
N ALA A 125 -7.77 17.10 -15.86
CA ALA A 125 -8.90 16.33 -15.37
C ALA A 125 -9.35 15.35 -16.41
N LEU A 126 -9.73 14.16 -15.94
CA LEU A 126 -10.31 13.13 -16.79
C LEU A 126 -11.73 13.57 -17.09
N LYS A 127 -12.10 13.54 -18.40
CA LYS A 127 -13.45 13.90 -18.80
C LYS A 127 -14.47 12.82 -18.40
N GLU A 128 -15.76 13.18 -18.41
CA GLU A 128 -16.87 12.29 -18.05
C GLU A 128 -16.87 10.94 -18.79
N ASP A 129 -16.38 10.93 -20.04
CA ASP A 129 -16.34 9.69 -20.84
C ASP A 129 -15.24 8.73 -20.41
N LEU A 130 -14.38 9.17 -19.46
CA LEU A 130 -13.24 8.41 -18.93
C LEU A 130 -12.26 7.95 -20.01
N ARG A 131 -12.21 8.69 -21.11
CA ARG A 131 -11.38 8.37 -22.28
C ARG A 131 -10.52 9.53 -22.75
N SER A 132 -10.85 10.76 -22.34
CA SER A 132 -10.26 12.01 -22.75
C SER A 132 -9.90 12.93 -21.59
N TRP A 133 -9.02 13.91 -21.86
CA TRP A 133 -8.52 14.84 -20.85
C TRP A 133 -8.82 16.29 -21.14
N THR A 134 -8.97 17.10 -20.05
CA THR A 134 -9.09 18.55 -20.11
C THR A 134 -7.82 19.10 -19.46
N ALA A 135 -6.96 19.75 -20.26
CA ALA A 135 -5.70 20.36 -19.83
C ALA A 135 -5.97 21.86 -19.76
N ALA A 136 -5.90 22.42 -18.56
CA ALA A 136 -6.23 23.80 -18.25
C ALA A 136 -5.30 24.89 -18.79
N ASP A 137 -4.02 24.57 -19.07
CA ASP A 137 -3.06 25.54 -19.59
C ASP A 137 -2.02 24.91 -20.52
N MET A 138 -1.01 25.71 -20.91
CA MET A 138 0.08 25.28 -21.78
C MET A 138 0.90 24.14 -21.19
N ALA A 139 1.34 24.29 -19.93
CA ALA A 139 2.11 23.25 -19.23
C ALA A 139 1.39 21.91 -19.19
N ALA A 140 0.08 21.91 -18.84
CA ALA A 140 -0.75 20.71 -18.75
C ALA A 140 -0.89 19.90 -20.07
N GLN A 141 -0.68 20.55 -21.24
CA GLN A 141 -0.74 19.85 -22.53
C GLN A 141 0.34 18.78 -22.62
N THR A 142 1.54 19.05 -22.05
CA THR A 142 2.67 18.11 -22.00
C THR A 142 2.17 16.85 -21.29
N THR A 143 1.52 17.01 -20.12
CA THR A 143 0.95 15.88 -19.37
C THR A 143 -0.13 15.18 -20.18
N LYS A 144 -1.06 15.95 -20.78
CA LYS A 144 -2.13 15.36 -21.59
C LYS A 144 -1.55 14.45 -22.69
N HIS A 145 -0.54 14.96 -23.44
CA HIS A 145 0.08 14.23 -24.53
C HIS A 145 0.82 12.97 -24.04
N LYS A 146 1.48 13.09 -22.89
CA LYS A 146 2.19 11.96 -22.26
C LYS A 146 1.21 10.87 -21.83
N TRP A 147 0.10 11.28 -21.20
CA TRP A 147 -0.94 10.37 -20.71
C TRP A 147 -1.75 9.72 -21.82
N GLU A 148 -1.93 10.45 -22.95
CA GLU A 148 -2.59 9.92 -24.15
C GLU A 148 -1.75 8.79 -24.75
N ALA A 149 -0.42 9.01 -24.86
CA ALA A 149 0.54 8.05 -25.42
C ALA A 149 0.68 6.79 -24.57
N ALA A 150 0.66 6.94 -23.23
CA ALA A 150 0.81 5.84 -22.28
C ALA A 150 -0.51 5.16 -21.88
N HIS A 151 -1.62 5.54 -22.56
CA HIS A 151 -2.98 5.00 -22.33
C HIS A 151 -3.43 4.99 -20.84
N VAL A 152 -3.20 6.13 -20.17
CA VAL A 152 -3.44 6.29 -18.72
C VAL A 152 -4.95 6.26 -18.42
N ALA A 153 -5.77 6.89 -19.30
CA ALA A 153 -7.23 6.94 -19.15
C ALA A 153 -7.87 5.55 -19.09
N GLU A 154 -7.36 4.58 -19.90
CA GLU A 154 -7.89 3.19 -19.88
C GLU A 154 -7.69 2.55 -18.51
N GLN A 155 -6.50 2.76 -17.90
CA GLN A 155 -6.16 2.25 -16.57
C GLN A 155 -7.03 2.88 -15.50
N LEU A 156 -7.27 4.19 -15.58
CA LEU A 156 -8.13 4.89 -14.62
C LEU A 156 -9.57 4.46 -14.77
N ARG A 157 -10.06 4.32 -16.01
CA ARG A 157 -11.43 3.86 -16.26
C ARG A 157 -11.67 2.49 -15.61
N ALA A 158 -10.69 1.55 -15.72
CA ALA A 158 -10.82 0.21 -15.15
C ALA A 158 -10.98 0.23 -13.62
N TYR A 159 -10.20 1.09 -12.95
CA TYR A 159 -10.30 1.28 -11.51
C TYR A 159 -11.64 1.90 -11.12
N LEU A 160 -12.04 2.97 -11.84
CA LEU A 160 -13.25 3.73 -11.51
C LEU A 160 -14.54 2.92 -11.68
N GLU A 161 -14.59 2.08 -12.72
CA GLU A 161 -15.76 1.22 -12.98
C GLU A 161 -15.71 -0.14 -12.28
N GLY A 162 -14.53 -0.51 -11.82
CA GLY A 162 -14.29 -1.79 -11.16
C GLY A 162 -14.11 -1.65 -9.66
N THR A 163 -12.83 -1.60 -9.22
CA THR A 163 -12.45 -1.55 -7.81
C THR A 163 -13.22 -0.49 -7.05
N CYS A 164 -13.29 0.74 -7.61
CA CYS A 164 -13.95 1.86 -6.93
C CYS A 164 -15.41 1.54 -6.55
N VAL A 165 -16.21 1.11 -7.54
CA VAL A 165 -17.62 0.79 -7.35
C VAL A 165 -17.74 -0.44 -6.43
N GLU A 166 -16.91 -1.48 -6.67
CA GLU A 166 -16.90 -2.70 -5.87
C GLU A 166 -16.69 -2.39 -4.39
N TRP A 167 -15.67 -1.58 -4.06
CA TRP A 167 -15.33 -1.28 -2.70
C TRP A 167 -16.28 -0.29 -2.05
N LEU A 168 -16.83 0.67 -2.83
CA LEU A 168 -17.88 1.57 -2.32
C LEU A 168 -19.05 0.69 -1.84
N ARG A 169 -19.48 -0.29 -2.67
CA ARG A 169 -20.54 -1.22 -2.26
C ARG A 169 -20.16 -1.96 -0.96
N ARG A 170 -18.93 -2.48 -0.86
CA ARG A 170 -18.50 -3.20 0.35
C ARG A 170 -18.57 -2.36 1.60
N TYR A 171 -18.11 -1.11 1.50
CA TYR A 171 -18.12 -0.18 2.62
C TYR A 171 -19.55 0.17 3.01
N LEU A 172 -20.46 0.35 2.01
CA LEU A 172 -21.87 0.66 2.32
C LEU A 172 -22.54 -0.46 3.10
N GLU A 173 -22.14 -1.71 2.78
CA GLU A 173 -22.66 -2.92 3.42
C GLU A 173 -22.08 -3.03 4.83
N ASN A 174 -20.75 -2.94 4.95
CA ASN A 174 -20.07 -3.04 6.24
C ASN A 174 -20.45 -1.93 7.18
N GLY A 175 -20.59 -0.72 6.65
CA GLY A 175 -20.96 0.44 7.44
C GLY A 175 -22.41 0.82 7.39
N LYS A 176 -23.31 -0.16 7.12
CA LYS A 176 -24.74 0.06 6.96
C LYS A 176 -25.36 0.89 8.03
N GLU A 177 -25.05 0.59 9.32
CA GLU A 177 -25.61 1.26 10.50
C GLU A 177 -25.46 2.79 10.46
N THR A 178 -24.39 3.28 9.85
CA THR A 178 -24.12 4.72 9.80
C THR A 178 -24.04 5.32 8.42
N LEU A 179 -23.67 4.53 7.40
CA LEU A 179 -23.67 5.05 6.04
C LEU A 179 -25.03 5.02 5.36
N GLN A 180 -25.85 4.00 5.66
CA GLN A 180 -27.17 3.93 5.03
C GLN A 180 -28.24 4.58 5.90
N ARG A 181 -27.81 5.34 6.91
CA ARG A 181 -28.71 5.99 7.85
C ARG A 181 -29.08 7.35 7.32
N THR A 182 -30.22 7.83 7.76
CA THR A 182 -30.62 9.20 7.50
C THR A 182 -31.01 9.74 8.85
N ASP A 183 -30.35 10.82 9.31
CA ASP A 183 -30.65 11.47 10.57
C ASP A 183 -31.34 12.79 10.20
N ALA A 184 -32.63 12.89 10.46
CA ALA A 184 -33.38 14.10 10.10
C ALA A 184 -32.96 15.24 11.01
N PRO A 185 -32.95 16.47 10.50
CA PRO A 185 -32.58 17.60 11.36
C PRO A 185 -33.52 17.79 12.51
N LYS A 186 -32.95 18.13 13.67
CA LYS A 186 -33.73 18.59 14.83
C LYS A 186 -33.76 20.11 14.58
N THR A 187 -34.96 20.72 14.55
CA THR A 187 -35.08 22.13 14.17
C THR A 187 -35.65 23.01 15.30
N HIS A 188 -35.24 24.29 15.32
CA HIS A 188 -35.76 25.27 16.25
C HIS A 188 -35.42 26.65 15.74
N MET A 189 -36.13 27.64 16.33
CA MET A 189 -35.97 29.01 15.91
C MET A 189 -35.63 29.85 17.16
N THR A 190 -34.83 30.89 17.00
CA THR A 190 -34.52 31.82 18.09
C THR A 190 -34.90 33.23 17.66
N HIS A 191 -35.21 34.08 18.64
CA HIS A 191 -35.63 35.45 18.41
C HIS A 191 -34.84 36.36 19.34
N HIS A 192 -34.17 37.31 18.72
CA HIS A 192 -33.38 38.31 19.44
C HIS A 192 -33.65 39.68 18.86
N ALA A 193 -33.97 40.63 19.75
CA ALA A 193 -34.10 42.01 19.35
C ALA A 193 -32.73 42.66 19.14
N VAL A 194 -32.46 43.09 17.91
CA VAL A 194 -31.33 43.96 17.63
C VAL A 194 -31.64 45.29 18.30
N SER A 195 -32.91 45.66 18.16
CA SER A 195 -33.47 46.90 18.64
C SER A 195 -34.96 46.65 18.78
N ASP A 196 -35.68 47.56 19.43
CA ASP A 196 -37.11 47.37 19.61
C ASP A 196 -37.78 47.29 18.25
N HIS A 197 -37.34 48.11 17.32
CA HIS A 197 -37.87 48.12 15.97
C HIS A 197 -37.66 46.82 15.22
N GLU A 198 -36.48 46.22 15.37
CA GLU A 198 -36.14 45.01 14.62
C GLU A 198 -35.70 43.87 15.52
N ALA A 199 -35.79 42.64 15.00
CA ALA A 199 -35.36 41.43 15.68
C ALA A 199 -34.85 40.42 14.66
N THR A 200 -33.88 39.62 15.08
CA THR A 200 -33.34 38.56 14.23
C THR A 200 -34.13 37.29 14.51
N LEU A 201 -34.63 36.63 13.45
CA LEU A 201 -35.23 35.30 13.56
C LEU A 201 -34.20 34.35 12.96
N ARG A 202 -33.75 33.35 13.71
CA ARG A 202 -32.77 32.40 13.22
C ARG A 202 -33.36 31.01 13.25
N CYS A 203 -33.33 30.33 12.10
CA CYS A 203 -33.88 28.99 11.93
C CYS A 203 -32.72 28.01 11.94
N TRP A 204 -32.74 27.05 12.85
CA TRP A 204 -31.65 26.08 13.00
C TRP A 204 -32.01 24.72 12.56
N ALA A 205 -31.00 24.02 11.98
CA ALA A 205 -31.10 22.59 11.66
C ALA A 205 -29.86 21.94 12.33
N LEU A 206 -30.12 20.95 13.22
CA LEU A 206 -29.01 20.31 13.94
C LEU A 206 -29.03 18.81 13.85
N SER A 207 -27.82 18.20 14.02
CA SER A 207 -27.67 16.75 14.14
C SER A 207 -28.26 15.96 12.96
N PHE A 208 -28.06 16.48 11.72
CA PHE A 208 -28.53 15.79 10.54
C PHE A 208 -27.41 15.09 9.77
N TYR A 209 -27.82 14.12 8.95
CA TYR A 209 -26.93 13.38 8.10
C TYR A 209 -27.83 12.78 6.99
N PRO A 210 -27.43 12.84 5.70
CA PRO A 210 -26.21 13.48 5.17
C PRO A 210 -26.23 14.99 5.23
N ALA A 211 -25.14 15.61 4.77
CA ALA A 211 -25.00 17.07 4.85
C ALA A 211 -25.96 17.88 4.00
N GLU A 212 -26.39 17.34 2.85
CA GLU A 212 -27.28 18.07 1.93
C GLU A 212 -28.57 18.50 2.63
N ILE A 213 -28.87 19.78 2.58
CA ILE A 213 -30.07 20.35 3.21
C ILE A 213 -30.42 21.67 2.52
N THR A 214 -31.69 22.04 2.58
CA THR A 214 -32.13 23.34 2.06
C THR A 214 -32.87 24.03 3.20
N LEU A 215 -32.43 25.26 3.55
CA LEU A 215 -33.00 26.09 4.62
C LEU A 215 -33.31 27.43 3.99
N THR A 216 -34.60 27.80 3.95
CA THR A 216 -34.94 29.09 3.33
C THR A 216 -35.97 29.82 4.16
N TRP A 217 -36.00 31.12 4.00
CA TRP A 217 -37.05 31.93 4.65
C TRP A 217 -37.95 32.55 3.58
N GLN A 218 -39.26 32.60 3.89
CA GLN A 218 -40.26 33.28 3.05
C GLN A 218 -40.95 34.38 3.86
N ARG A 219 -41.37 35.46 3.20
CA ARG A 219 -42.16 36.50 3.83
C ARG A 219 -43.45 36.56 3.00
N ASP A 220 -44.62 36.24 3.62
CA ASP A 220 -45.90 36.10 2.91
C ASP A 220 -45.75 35.14 1.70
N GLY A 221 -44.98 34.06 1.88
CA GLY A 221 -44.74 33.10 0.81
C GLY A 221 -43.77 33.54 -0.26
N GLU A 222 -43.16 34.74 -0.15
CA GLU A 222 -42.17 35.21 -1.14
C GLU A 222 -40.75 34.93 -0.65
N ASP A 223 -39.90 34.39 -1.53
CA ASP A 223 -38.51 34.05 -1.18
C ASP A 223 -37.69 35.28 -0.76
N GLN A 224 -36.96 35.14 0.36
CA GLN A 224 -36.15 36.24 0.95
C GLN A 224 -34.63 35.98 0.82
N THR A 225 -34.21 35.38 -0.29
CA THR A 225 -32.80 34.99 -0.54
C THR A 225 -31.79 36.12 -0.29
N GLN A 226 -32.05 37.30 -0.90
CA GLN A 226 -31.21 38.50 -0.81
C GLN A 226 -31.07 39.05 0.60
N ASP A 227 -32.04 38.75 1.46
CA ASP A 227 -32.09 39.27 2.83
C ASP A 227 -31.85 38.19 3.89
N THR A 228 -31.47 36.97 3.47
CA THR A 228 -31.20 35.89 4.41
C THR A 228 -29.70 35.76 4.61
N GLU A 229 -29.28 35.63 5.87
CA GLU A 229 -27.89 35.32 6.22
C GLU A 229 -27.89 33.78 6.34
N LEU A 230 -27.18 33.08 5.45
CA LEU A 230 -27.16 31.62 5.45
C LEU A 230 -25.72 31.20 5.65
N VAL A 231 -25.45 30.40 6.71
CA VAL A 231 -24.08 29.98 6.96
C VAL A 231 -23.81 28.71 6.20
N GLU A 232 -22.53 28.44 5.90
CA GLU A 232 -22.15 27.20 5.28
C GLU A 232 -22.48 26.03 6.21
N THR A 233 -22.95 24.91 5.64
CA THR A 233 -23.19 23.70 6.42
C THR A 233 -21.88 23.30 7.10
N ARG A 234 -21.94 22.98 8.41
CA ARG A 234 -20.73 22.75 9.16
C ARG A 234 -20.81 21.44 9.97
N PRO A 235 -19.65 20.80 10.17
CA PRO A 235 -19.65 19.53 10.91
C PRO A 235 -19.81 19.77 12.40
N ALA A 236 -20.63 18.92 13.06
CA ALA A 236 -20.73 19.04 14.52
C ALA A 236 -19.53 18.40 15.24
N GLY A 237 -18.84 17.47 14.55
CA GLY A 237 -17.67 16.78 15.05
C GLY A 237 -17.96 15.33 15.43
N ASP A 238 -19.26 14.96 15.43
CA ASP A 238 -19.72 13.62 15.85
C ASP A 238 -20.31 12.83 14.65
N GLY A 239 -20.04 13.32 13.45
CA GLY A 239 -20.52 12.71 12.21
C GLY A 239 -21.81 13.33 11.69
N THR A 240 -22.36 14.30 12.41
CA THR A 240 -23.57 15.02 11.97
C THR A 240 -23.18 16.44 11.54
N PHE A 241 -24.17 17.17 10.96
CA PHE A 241 -24.00 18.50 10.44
C PHE A 241 -24.97 19.48 11.04
N GLN A 242 -24.66 20.77 10.88
CA GLN A 242 -25.49 21.86 11.38
C GLN A 242 -25.60 22.94 10.32
N LYS A 243 -26.65 23.72 10.40
CA LYS A 243 -26.79 24.90 9.53
C LYS A 243 -27.84 25.81 10.14
N TRP A 244 -27.74 27.09 9.83
CA TRP A 244 -28.79 28.03 10.22
C TRP A 244 -29.00 29.09 9.16
N ALA A 245 -30.18 29.73 9.15
CA ALA A 245 -30.51 30.81 8.21
C ALA A 245 -31.20 31.87 9.07
N ALA A 246 -30.84 33.14 8.90
CA ALA A 246 -31.46 34.18 9.71
C ALA A 246 -31.96 35.36 8.85
N VAL A 247 -33.01 36.03 9.33
CA VAL A 247 -33.58 37.21 8.68
C VAL A 247 -33.79 38.28 9.73
N VAL A 248 -33.73 39.54 9.33
CA VAL A 248 -34.01 40.67 10.21
C VAL A 248 -35.47 41.06 9.94
N VAL A 249 -36.29 40.93 10.99
CA VAL A 249 -37.74 41.13 10.95
C VAL A 249 -38.11 42.44 11.65
N PRO A 250 -38.74 43.41 10.95
CA PRO A 250 -39.19 44.62 11.65
C PRO A 250 -40.17 44.16 12.74
N SER A 251 -39.97 44.59 14.00
CA SER A 251 -40.81 44.22 15.16
C SER A 251 -42.31 44.27 14.83
N GLY A 252 -43.02 43.20 15.17
CA GLY A 252 -44.46 43.08 14.87
C GLY A 252 -44.79 42.30 13.60
N GLN A 253 -43.78 42.02 12.74
CA GLN A 253 -43.98 41.28 11.48
C GLN A 253 -43.59 39.78 11.55
N GLU A 254 -43.27 39.26 12.77
CA GLU A 254 -42.88 37.84 12.96
C GLU A 254 -43.79 36.82 12.25
N GLN A 255 -45.11 37.03 12.34
CA GLN A 255 -46.13 36.16 11.75
C GLN A 255 -46.04 36.03 10.21
N ARG A 256 -45.41 37.02 9.52
CA ARG A 256 -45.30 37.01 8.06
C ARG A 256 -44.23 36.05 7.56
N TYR A 257 -43.29 35.68 8.43
CA TYR A 257 -42.12 34.89 8.08
C TYR A 257 -42.24 33.41 8.39
N THR A 258 -41.82 32.58 7.44
CA THR A 258 -41.83 31.12 7.61
C THR A 258 -40.47 30.58 7.18
N CYS A 259 -39.97 29.61 7.93
CA CYS A 259 -38.69 28.95 7.63
C CYS A 259 -39.01 27.60 7.04
N HIS A 260 -38.31 27.22 5.95
CA HIS A 260 -38.57 26.00 5.22
C HIS A 260 -37.33 25.09 5.24
N VAL A 261 -37.59 23.84 5.67
CA VAL A 261 -36.51 22.86 5.83
C VAL A 261 -36.80 21.67 4.94
N GLN A 262 -35.84 21.33 4.08
CA GLN A 262 -35.88 20.16 3.21
C GLN A 262 -34.66 19.30 3.47
N HIS A 263 -34.89 18.00 3.70
CA HIS A 263 -33.79 17.05 3.95
C HIS A 263 -34.32 15.65 3.62
N GLU A 264 -33.37 14.75 3.25
CA GLU A 264 -33.74 13.39 2.89
C GLU A 264 -34.41 12.64 4.06
N GLY A 265 -34.06 13.01 5.28
CA GLY A 265 -34.59 12.39 6.49
C GLY A 265 -36.00 12.79 6.86
N LEU A 266 -36.48 13.88 6.27
CA LEU A 266 -37.82 14.40 6.58
C LEU A 266 -38.87 13.78 5.63
N PRO A 267 -39.93 13.10 6.14
CA PRO A 267 -40.96 12.55 5.22
C PRO A 267 -41.64 13.62 4.38
N LYS A 268 -41.76 14.83 4.95
CA LYS A 268 -42.35 15.99 4.33
C LYS A 268 -41.51 17.21 4.67
N PRO A 269 -41.33 18.19 3.74
CA PRO A 269 -40.60 19.42 4.11
C PRO A 269 -41.30 20.14 5.26
N LEU A 270 -40.53 20.73 6.16
CA LEU A 270 -41.07 21.43 7.34
C LEU A 270 -41.27 22.89 7.08
N THR A 271 -42.34 23.45 7.68
CA THR A 271 -42.62 24.89 7.64
C THR A 271 -42.64 25.29 9.12
N LEU A 272 -41.73 26.20 9.53
CA LEU A 272 -41.64 26.67 10.89
C LEU A 272 -42.00 28.16 10.98
N ARG A 273 -42.70 28.53 12.05
CA ARG A 273 -43.15 29.91 12.25
C ARG A 273 -42.82 30.30 13.67
N TRP A 274 -42.58 31.61 13.88
CA TRP A 274 -42.42 32.13 15.23
C TRP A 274 -43.82 32.46 15.66
N GLU A 275 -44.37 31.62 16.54
CA GLU A 275 -45.74 31.77 17.05
C GLU A 275 -45.94 31.10 18.41
N MET B 1 0.10 33.92 -7.46
CA MET B 1 -0.52 32.67 -7.07
C MET B 1 -1.86 32.86 -6.36
N ILE B 2 -2.76 31.88 -6.52
CA ILE B 2 -4.08 31.86 -5.90
C ILE B 2 -3.97 31.92 -4.39
N GLN B 3 -4.73 32.84 -3.78
CA GLN B 3 -4.83 32.95 -2.33
C GLN B 3 -6.27 33.18 -2.00
N ARG B 4 -6.85 32.30 -1.17
CA ARG B 4 -8.25 32.38 -0.77
C ARG B 4 -8.35 32.48 0.74
N THR B 5 -9.16 33.44 1.21
CA THR B 5 -9.28 33.71 2.64
C THR B 5 -10.13 32.67 3.36
N PRO B 6 -9.71 32.21 4.55
CA PRO B 6 -10.58 31.27 5.28
C PRO B 6 -11.88 31.92 5.77
N LYS B 7 -12.98 31.20 5.59
CA LYS B 7 -14.25 31.47 6.24
C LYS B 7 -14.07 30.84 7.63
N ILE B 8 -14.64 31.46 8.69
CA ILE B 8 -14.47 30.97 10.06
C ILE B 8 -15.81 30.89 10.74
N GLN B 9 -16.09 29.75 11.40
CA GLN B 9 -17.28 29.63 12.25
C GLN B 9 -16.84 29.05 13.55
N VAL B 10 -17.23 29.67 14.68
CA VAL B 10 -16.92 29.14 16.00
C VAL B 10 -18.26 28.81 16.67
N TYR B 11 -18.38 27.58 17.20
CA TYR B 11 -19.67 27.11 17.70
C TYR B 11 -19.47 25.86 18.52
N SER B 12 -20.53 25.48 19.24
CA SER B 12 -20.49 24.27 20.05
C SER B 12 -21.15 23.07 19.36
N ARG B 13 -20.69 21.87 19.69
CA ARG B 13 -21.29 20.67 19.12
C ARG B 13 -22.77 20.52 19.46
N HIS B 14 -23.13 20.75 20.73
CA HIS B 14 -24.50 20.56 21.17
C HIS B 14 -25.10 21.97 21.26
N PRO B 15 -26.33 22.27 21.60
CA PRO B 15 -26.66 23.62 22.12
C PRO B 15 -26.08 23.89 23.52
N ALA B 16 -25.56 25.08 23.72
CA ALA B 16 -24.86 25.35 24.99
C ALA B 16 -25.80 25.41 26.17
N GLU B 17 -25.46 24.69 27.25
CA GLU B 17 -26.19 24.69 28.51
C GLU B 17 -25.14 24.88 29.60
N ASN B 18 -25.24 25.97 30.39
CA ASN B 18 -24.23 26.22 31.41
C ASN B 18 -24.03 25.02 32.35
N GLY B 19 -22.77 24.63 32.53
CA GLY B 19 -22.42 23.53 33.42
C GLY B 19 -22.53 22.15 32.83
N LYS B 20 -22.87 22.03 31.51
CA LYS B 20 -22.96 20.72 30.86
C LYS B 20 -21.85 20.60 29.83
N SER B 21 -21.17 19.45 29.83
CA SER B 21 -20.03 19.14 28.95
C SER B 21 -20.40 19.29 27.47
N ASN B 22 -19.42 19.66 26.66
CA ASN B 22 -19.71 19.92 25.26
C ASN B 22 -18.38 19.93 24.50
N PHE B 23 -18.42 20.32 23.22
CA PHE B 23 -17.18 20.52 22.42
C PHE B 23 -17.28 21.89 21.81
N LEU B 24 -16.15 22.65 21.82
CA LEU B 24 -16.03 23.95 21.16
C LEU B 24 -15.35 23.69 19.85
N ASN B 25 -15.97 24.12 18.76
CA ASN B 25 -15.44 23.93 17.42
C ASN B 25 -15.07 25.21 16.73
N CYS B 26 -14.03 25.15 15.87
CA CYS B 26 -13.73 26.25 14.97
C CYS B 26 -13.52 25.65 13.61
N TYR B 27 -14.46 25.93 12.71
CA TYR B 27 -14.43 25.37 11.37
C TYR B 27 -13.88 26.43 10.44
N VAL B 28 -12.75 26.12 9.77
CA VAL B 28 -12.12 27.02 8.83
C VAL B 28 -12.22 26.39 7.46
N SER B 29 -12.71 27.14 6.48
CA SER B 29 -12.92 26.53 5.20
C SER B 29 -12.71 27.55 4.07
N GLY B 30 -12.64 27.07 2.84
CA GLY B 30 -12.51 27.92 1.67
C GLY B 30 -11.15 28.61 1.48
N PHE B 31 -10.10 28.12 2.18
CA PHE B 31 -8.77 28.74 2.13
C PHE B 31 -7.77 28.08 1.20
N HIS B 32 -6.76 28.87 0.75
CA HIS B 32 -5.68 28.40 -0.11
C HIS B 32 -4.58 29.49 -0.05
N PRO B 33 -3.33 29.09 0.23
CA PRO B 33 -2.78 27.71 0.40
C PRO B 33 -3.14 27.10 1.76
N SER B 34 -2.64 25.87 2.00
CA SER B 34 -3.02 25.07 3.17
C SER B 34 -2.45 25.50 4.52
N ASP B 35 -1.35 26.25 4.54
CA ASP B 35 -0.74 26.66 5.81
C ASP B 35 -1.66 27.62 6.53
N ILE B 36 -2.09 27.25 7.74
CA ILE B 36 -3.02 28.03 8.53
C ILE B 36 -2.72 27.81 10.00
N GLU B 37 -2.94 28.83 10.81
CA GLU B 37 -2.75 28.74 12.25
C GLU B 37 -4.11 28.97 12.88
N VAL B 38 -4.58 28.01 13.70
CA VAL B 38 -5.88 28.13 14.32
C VAL B 38 -5.72 27.84 15.79
N ASP B 39 -6.18 28.77 16.65
CA ASP B 39 -6.17 28.59 18.09
C ASP B 39 -7.54 28.84 18.66
N LEU B 40 -7.89 28.07 19.69
CA LEU B 40 -9.14 28.31 20.43
C LEU B 40 -8.71 29.04 21.67
N LEU B 41 -9.45 30.08 22.05
CA LEU B 41 -9.13 30.92 23.19
C LEU B 41 -10.17 30.85 24.29
N LYS B 42 -9.74 30.85 25.54
CA LYS B 42 -10.62 30.89 26.72
C LYS B 42 -10.22 32.14 27.46
N ASN B 43 -11.14 33.12 27.54
CA ASN B 43 -10.88 34.41 28.18
C ASN B 43 -9.55 35.03 27.67
N GLY B 44 -9.35 34.93 26.36
CA GLY B 44 -8.18 35.47 25.66
C GLY B 44 -6.93 34.63 25.66
N GLU B 45 -6.91 33.49 26.39
CA GLU B 45 -5.72 32.64 26.47
C GLU B 45 -5.85 31.39 25.62
N ARG B 46 -4.77 31.03 24.91
CA ARG B 46 -4.71 29.85 24.04
C ARG B 46 -4.99 28.56 24.84
N ILE B 47 -5.97 27.77 24.40
CA ILE B 47 -6.31 26.48 24.99
C ILE B 47 -5.28 25.45 24.45
N GLU B 48 -4.63 24.71 25.37
CA GLU B 48 -3.57 23.75 24.99
C GLU B 48 -4.06 22.47 24.32
N LYS B 49 -5.10 21.83 24.89
CA LYS B 49 -5.55 20.57 24.33
C LYS B 49 -6.54 20.78 23.21
N VAL B 50 -6.04 21.06 21.99
CA VAL B 50 -6.90 21.30 20.82
C VAL B 50 -6.51 20.32 19.73
N GLU B 51 -7.50 19.58 19.19
CA GLU B 51 -7.28 18.61 18.13
C GLU B 51 -7.83 19.14 16.83
N HIS B 52 -7.46 18.51 15.71
CA HIS B 52 -8.01 18.92 14.44
C HIS B 52 -8.21 17.74 13.50
N SER B 53 -9.13 18.00 12.56
CA SER B 53 -9.45 17.03 11.56
C SER B 53 -8.32 16.90 10.53
N ASP B 54 -8.39 15.82 9.72
CA ASP B 54 -7.40 15.63 8.67
C ASP B 54 -7.67 16.55 7.49
N LEU B 55 -6.59 17.18 6.95
CA LEU B 55 -6.73 18.13 5.86
C LEU B 55 -7.45 17.55 4.66
N SER B 56 -8.53 18.24 4.23
CA SER B 56 -9.32 17.82 3.09
C SER B 56 -9.68 19.06 2.28
N PHE B 57 -10.30 18.88 1.13
CA PHE B 57 -10.66 20.03 0.33
C PHE B 57 -11.99 19.85 -0.41
N SER B 58 -12.57 20.98 -0.83
CA SER B 58 -13.84 21.02 -1.56
C SER B 58 -13.64 20.85 -3.09
N LYS B 59 -14.76 20.82 -3.84
CA LYS B 59 -14.75 20.68 -5.30
C LYS B 59 -13.94 21.80 -5.98
N ASP B 60 -13.98 23.03 -5.41
CA ASP B 60 -13.22 24.16 -5.96
C ASP B 60 -11.73 24.15 -5.53
N TRP B 61 -11.25 23.06 -4.89
CA TRP B 61 -9.88 22.88 -4.40
C TRP B 61 -9.55 23.61 -3.08
N SER B 62 -10.47 24.43 -2.56
CA SER B 62 -10.16 25.12 -1.30
C SER B 62 -10.22 24.17 -0.08
N PHE B 63 -9.36 24.41 0.91
CA PHE B 63 -9.21 23.52 2.06
C PHE B 63 -10.21 23.76 3.14
N TYR B 64 -10.40 22.74 4.00
CA TYR B 64 -11.22 22.93 5.18
C TYR B 64 -10.67 22.08 6.31
N LEU B 65 -10.79 22.58 7.53
CA LEU B 65 -10.36 21.89 8.74
C LEU B 65 -11.34 22.22 9.86
N LEU B 66 -11.51 21.26 10.78
CA LEU B 66 -12.27 21.48 12.01
C LEU B 66 -11.29 21.37 13.19
N TYR B 67 -11.17 22.43 14.02
CA TYR B 67 -10.37 22.40 15.27
C TYR B 67 -11.37 22.27 16.41
N TYR B 68 -11.07 21.45 17.42
CA TYR B 68 -12.07 21.22 18.47
C TYR B 68 -11.45 20.90 19.80
N THR B 69 -12.18 21.21 20.89
CA THR B 69 -11.72 20.85 22.22
C THR B 69 -12.91 20.59 23.09
N GLU B 70 -12.71 19.80 24.14
CA GLU B 70 -13.78 19.60 25.11
C GLU B 70 -13.88 20.87 25.96
N PHE B 71 -15.10 21.28 26.32
CA PHE B 71 -15.32 22.40 27.22
C PHE B 71 -16.69 22.29 27.87
N THR B 72 -16.86 23.00 29.01
CA THR B 72 -18.12 23.10 29.74
C THR B 72 -18.41 24.60 29.80
N PRO B 73 -19.36 25.08 28.97
CA PRO B 73 -19.63 26.53 28.98
C PRO B 73 -20.21 26.97 30.29
N THR B 74 -19.96 28.24 30.65
CA THR B 74 -20.52 28.88 31.84
C THR B 74 -21.12 30.23 31.38
N GLU B 75 -21.83 30.92 32.27
CA GLU B 75 -22.41 32.22 31.98
C GLU B 75 -21.31 33.25 31.65
N LYS B 76 -20.21 33.24 32.45
CA LYS B 76 -19.11 34.21 32.41
C LYS B 76 -17.91 33.98 31.48
N ASP B 77 -17.58 32.70 31.20
CA ASP B 77 -16.42 32.41 30.35
C ASP B 77 -16.65 32.78 28.90
N GLU B 78 -15.68 33.46 28.31
CA GLU B 78 -15.70 33.90 26.92
C GLU B 78 -14.78 33.01 26.11
N TYR B 79 -15.26 32.61 24.94
CA TYR B 79 -14.47 31.79 24.04
C TYR B 79 -14.33 32.46 22.67
N ALA B 80 -13.29 32.08 21.94
CA ALA B 80 -13.03 32.64 20.62
C ALA B 80 -12.16 31.71 19.80
N CYS B 81 -12.09 31.97 18.49
CA CYS B 81 -11.19 31.26 17.59
C CYS B 81 -10.30 32.32 16.93
N ARG B 82 -8.98 32.11 16.93
CA ARG B 82 -8.02 33.07 16.36
C ARG B 82 -7.33 32.41 15.19
N VAL B 83 -7.43 33.04 14.00
CA VAL B 83 -6.94 32.40 12.79
C VAL B 83 -5.91 33.26 12.09
N ASN B 84 -4.80 32.66 11.64
CA ASN B 84 -3.80 33.39 10.83
C ASN B 84 -3.58 32.66 9.54
N HIS B 85 -3.43 33.42 8.45
CA HIS B 85 -3.25 32.88 7.12
C HIS B 85 -2.64 34.00 6.28
N VAL B 86 -1.99 33.62 5.17
CA VAL B 86 -1.31 34.60 4.32
C VAL B 86 -2.24 35.75 3.80
N THR B 87 -3.54 35.43 3.60
CA THR B 87 -4.54 36.39 3.14
C THR B 87 -4.92 37.41 4.20
N LEU B 88 -4.51 37.19 5.45
CA LEU B 88 -4.89 38.06 6.57
C LEU B 88 -3.76 39.00 6.95
N SER B 89 -4.05 40.32 7.10
CA SER B 89 -3.03 41.30 7.47
C SER B 89 -2.58 41.10 8.92
N GLN B 90 -3.48 40.55 9.74
CA GLN B 90 -3.24 40.23 11.14
C GLN B 90 -4.17 39.08 11.49
N PRO B 91 -3.94 38.34 12.59
CA PRO B 91 -4.89 37.27 12.94
C PRO B 91 -6.32 37.78 13.12
N LYS B 92 -7.30 36.99 12.67
CA LYS B 92 -8.72 37.31 12.79
C LYS B 92 -9.25 36.57 14.02
N ILE B 93 -9.88 37.30 14.95
CA ILE B 93 -10.44 36.69 16.16
C ILE B 93 -11.96 36.71 15.99
N VAL B 94 -12.60 35.54 16.09
CA VAL B 94 -14.05 35.44 15.98
C VAL B 94 -14.56 34.98 17.34
N LYS B 95 -15.40 35.80 17.99
CA LYS B 95 -15.90 35.41 19.32
C LYS B 95 -17.02 34.35 19.23
N TRP B 96 -17.03 33.39 20.18
CA TRP B 96 -18.10 32.42 20.25
C TRP B 96 -19.39 33.07 20.75
N ASP B 97 -20.48 32.89 20.01
CA ASP B 97 -21.82 33.34 20.40
C ASP B 97 -22.63 32.06 20.45
N ARG B 98 -23.20 31.73 21.64
CA ARG B 98 -23.96 30.48 21.77
C ARG B 98 -25.16 30.31 20.81
N ASP B 99 -25.60 31.42 20.18
CA ASP B 99 -26.69 31.36 19.20
C ASP B 99 -26.24 31.61 17.78
N MET B 100 -25.00 31.22 17.45
CA MET B 100 -24.49 31.34 16.10
C MET B 100 -23.60 30.12 15.74
N LYS C 1 -11.17 1.40 -1.47
CA LYS C 1 -9.75 1.14 -1.77
C LYS C 1 -9.17 2.11 -2.76
N VAL C 2 -7.94 2.56 -2.51
CA VAL C 2 -7.21 3.46 -3.43
C VAL C 2 -6.73 2.69 -4.69
N ALA C 3 -6.43 3.46 -5.75
CA ALA C 3 -5.94 2.91 -7.02
C ALA C 3 -4.58 2.20 -6.88
N GLU C 4 -4.35 1.15 -7.70
CA GLU C 4 -3.10 0.37 -7.66
C GLU C 4 -1.97 1.01 -8.45
N ILE C 5 -2.32 1.66 -9.57
CA ILE C 5 -1.31 2.30 -10.41
C ILE C 5 -1.47 3.82 -10.38
N VAL C 6 -0.36 4.52 -10.21
CA VAL C 6 -0.31 5.97 -10.24
C VAL C 6 0.75 6.36 -11.25
N HIS C 7 0.38 7.21 -12.20
CA HIS C 7 1.23 7.64 -13.29
C HIS C 7 1.73 9.02 -12.99
N PHE C 8 2.91 9.41 -13.47
CA PHE C 8 3.57 10.67 -13.15
C PHE C 8 3.11 11.81 -14.08
N LEU C 9 2.97 13.06 -13.54
CA LEU C 9 2.61 14.25 -14.31
C LEU C 9 3.68 14.61 -15.33
N GLY D 1 24.32 -4.31 7.98
CA GLY D 1 25.00 -5.59 7.84
C GLY D 1 25.48 -5.87 6.43
N SER D 2 25.85 -7.13 6.17
CA SER D 2 26.34 -7.58 4.85
C SER D 2 25.23 -7.63 3.82
N HIS D 3 25.58 -7.49 2.53
CA HIS D 3 24.57 -7.56 1.49
C HIS D 3 25.16 -8.37 0.36
N SER D 4 24.23 -8.79 -0.53
CA SER D 4 24.64 -9.48 -1.73
C SER D 4 23.77 -9.09 -2.93
N MET D 5 24.29 -9.29 -4.15
CA MET D 5 23.51 -9.20 -5.38
C MET D 5 23.74 -10.51 -6.10
N ARG D 6 22.67 -11.11 -6.59
CA ARG D 6 22.76 -12.39 -7.30
C ARG D 6 21.88 -12.42 -8.51
N TYR D 7 22.37 -13.03 -9.60
CA TYR D 7 21.58 -13.24 -10.79
C TYR D 7 21.51 -14.75 -11.01
N PHE D 8 20.32 -15.24 -11.32
CA PHE D 8 20.05 -16.67 -11.52
C PHE D 8 19.50 -16.85 -12.93
N PHE D 9 20.11 -17.73 -13.73
CA PHE D 9 19.68 -17.98 -15.11
C PHE D 9 19.39 -19.45 -15.31
N THR D 10 18.21 -19.78 -15.84
CA THR D 10 17.82 -21.15 -16.15
C THR D 10 17.52 -21.24 -17.63
N SER D 11 18.14 -22.25 -18.27
CA SER D 11 18.03 -22.59 -19.67
C SER D 11 17.53 -24.05 -19.78
N VAL D 12 16.41 -24.31 -20.46
CA VAL D 12 15.88 -25.68 -20.58
C VAL D 12 15.61 -25.98 -22.05
N SER D 13 16.24 -27.02 -22.59
CA SER D 13 15.98 -27.37 -23.99
C SER D 13 14.62 -28.02 -24.11
N ARG D 14 13.99 -27.81 -25.28
CA ARG D 14 12.65 -28.31 -25.58
C ARG D 14 12.66 -29.05 -26.93
N PRO D 15 13.09 -30.34 -26.90
CA PRO D 15 13.16 -31.13 -28.16
C PRO D 15 11.92 -31.09 -29.03
N GLY D 16 12.14 -30.76 -30.31
CA GLY D 16 11.08 -30.66 -31.31
C GLY D 16 10.13 -29.50 -31.08
N ARG D 17 10.48 -28.58 -30.17
CA ARG D 17 9.61 -27.44 -29.86
C ARG D 17 10.32 -26.09 -30.12
N GLY D 18 11.47 -26.17 -30.79
CA GLY D 18 12.23 -24.99 -31.17
C GLY D 18 13.16 -24.46 -30.10
N GLU D 19 13.07 -23.16 -29.84
CA GLU D 19 13.97 -22.45 -28.91
C GLU D 19 13.89 -22.91 -27.45
N PRO D 20 15.03 -23.01 -26.77
CA PRO D 20 14.99 -23.36 -25.34
C PRO D 20 14.31 -22.29 -24.48
N ARG D 21 13.76 -22.70 -23.31
CA ARG D 21 13.20 -21.74 -22.33
C ARG D 21 14.40 -21.03 -21.68
N PHE D 22 14.30 -19.70 -21.45
CA PHE D 22 15.38 -19.01 -20.76
C PHE D 22 14.71 -18.06 -19.79
N ILE D 23 15.05 -18.17 -18.48
CA ILE D 23 14.47 -17.33 -17.43
C ILE D 23 15.62 -16.73 -16.63
N ALA D 24 15.63 -15.41 -16.46
CA ALA D 24 16.67 -14.76 -15.64
C ALA D 24 15.97 -14.03 -14.54
N VAL D 25 16.51 -14.10 -13.32
CA VAL D 25 15.98 -13.30 -12.20
C VAL D 25 17.16 -12.65 -11.44
N GLY D 26 16.96 -11.45 -10.93
CA GLY D 26 18.00 -10.80 -10.13
C GLY D 26 17.47 -10.48 -8.75
N TYR D 27 18.34 -10.63 -7.73
CA TYR D 27 17.99 -10.35 -6.32
C TYR D 27 19.04 -9.42 -5.70
N VAL D 28 18.60 -8.59 -4.74
CA VAL D 28 19.49 -7.90 -3.81
C VAL D 28 19.05 -8.53 -2.49
N ASP D 29 19.98 -9.21 -1.82
CA ASP D 29 19.65 -9.92 -0.59
C ASP D 29 18.50 -10.88 -0.88
N ASP D 30 17.40 -10.83 -0.09
CA ASP D 30 16.24 -11.71 -0.30
C ASP D 30 15.11 -11.02 -1.04
N THR D 31 15.41 -9.95 -1.83
CA THR D 31 14.38 -9.19 -2.55
C THR D 31 14.62 -9.28 -4.04
N GLN D 32 13.68 -9.89 -4.78
CA GLN D 32 13.84 -9.94 -6.22
C GLN D 32 13.61 -8.55 -6.80
N PHE D 33 14.34 -8.18 -7.88
CA PHE D 33 14.12 -6.85 -8.46
C PHE D 33 13.97 -6.83 -9.98
N VAL D 34 14.41 -7.89 -10.68
CA VAL D 34 14.26 -7.96 -12.14
C VAL D 34 13.96 -9.35 -12.60
N ARG D 35 13.40 -9.45 -13.81
CA ARG D 35 13.19 -10.74 -14.47
C ARG D 35 13.30 -10.59 -15.98
N PHE D 36 13.61 -11.69 -16.66
CA PHE D 36 13.47 -11.83 -18.11
C PHE D 36 12.92 -13.22 -18.32
N ASP D 37 11.90 -13.36 -19.18
CA ASP D 37 11.31 -14.65 -19.52
C ASP D 37 11.21 -14.73 -21.03
N SER D 38 11.96 -15.68 -21.66
CA SER D 38 11.95 -15.88 -23.12
C SER D 38 10.53 -16.09 -23.69
N ASP D 39 9.63 -16.65 -22.87
CA ASP D 39 8.24 -16.98 -23.26
C ASP D 39 7.25 -15.81 -23.17
N ALA D 40 7.62 -14.73 -22.45
CA ALA D 40 6.77 -13.55 -22.28
C ALA D 40 6.73 -12.69 -23.54
N ALA D 41 5.74 -11.81 -23.66
CA ALA D 41 5.55 -10.96 -24.83
C ALA D 41 6.58 -9.83 -24.99
N SER D 42 6.96 -9.18 -23.89
CA SER D 42 7.84 -8.00 -23.93
C SER D 42 9.21 -8.20 -24.55
N GLN D 43 9.87 -9.35 -24.29
CA GLN D 43 11.24 -9.64 -24.74
C GLN D 43 12.18 -8.59 -24.15
N ARG D 44 11.86 -8.19 -22.92
CA ARG D 44 12.66 -7.19 -22.23
C ARG D 44 12.91 -7.57 -20.79
N MET D 45 14.01 -7.05 -20.21
CA MET D 45 14.20 -7.20 -18.76
C MET D 45 13.12 -6.29 -18.15
N GLU D 46 12.47 -6.76 -17.09
CA GLU D 46 11.35 -6.03 -16.46
C GLU D 46 11.57 -5.87 -14.96
N PRO D 47 11.01 -4.81 -14.37
CA PRO D 47 11.13 -4.61 -12.91
C PRO D 47 10.23 -5.56 -12.13
N ARG D 48 10.70 -5.94 -10.93
CA ARG D 48 9.93 -6.78 -10.01
C ARG D 48 10.01 -6.21 -8.58
N ALA D 49 10.53 -4.97 -8.46
CA ALA D 49 10.57 -4.23 -7.20
C ALA D 49 10.22 -2.78 -7.47
N PRO D 50 9.46 -2.08 -6.61
CA PRO D 50 9.09 -0.70 -6.93
C PRO D 50 10.22 0.29 -7.07
N TRP D 51 11.32 0.09 -6.30
CA TRP D 51 12.48 0.99 -6.24
C TRP D 51 13.36 0.96 -7.50
N ILE D 52 13.08 0.04 -8.44
CA ILE D 52 13.85 0.02 -9.70
C ILE D 52 12.95 0.42 -10.90
N GLU D 53 11.62 0.51 -10.68
CA GLU D 53 10.66 0.80 -11.78
C GLU D 53 10.97 2.07 -12.55
N GLN D 54 11.49 3.11 -11.85
CA GLN D 54 11.73 4.42 -12.43
C GLN D 54 13.17 4.65 -12.83
N GLU D 55 13.95 3.56 -12.97
CA GLU D 55 15.38 3.69 -13.32
C GLU D 55 15.62 4.37 -14.66
N GLY D 56 14.67 4.24 -15.58
CA GLY D 56 14.77 4.95 -16.85
C GLY D 56 15.10 4.07 -18.05
N PRO D 57 14.83 4.57 -19.28
CA PRO D 57 15.03 3.77 -20.49
C PRO D 57 16.45 3.34 -20.79
N GLU D 58 17.45 4.18 -20.43
CA GLU D 58 18.81 3.77 -20.71
C GLU D 58 19.12 2.52 -19.89
N TYR D 59 18.70 2.53 -18.63
CA TYR D 59 18.92 1.34 -17.79
C TYR D 59 18.20 0.11 -18.36
N TRP D 60 16.89 0.21 -18.62
CA TRP D 60 16.12 -0.94 -19.11
C TRP D 60 16.54 -1.44 -20.46
N ASP D 61 16.86 -0.52 -21.39
CA ASP D 61 17.33 -0.94 -22.71
C ASP D 61 18.66 -1.72 -22.57
N GLY D 62 19.54 -1.24 -21.69
CA GLY D 62 20.85 -1.84 -21.41
C GLY D 62 20.71 -3.24 -20.84
N GLU D 63 19.86 -3.39 -19.80
CA GLU D 63 19.64 -4.70 -19.20
C GLU D 63 19.00 -5.66 -20.20
N THR D 64 18.09 -5.14 -21.04
CA THR D 64 17.45 -5.96 -22.09
C THR D 64 18.48 -6.46 -23.10
N ARG D 65 19.34 -5.54 -23.58
CA ARG D 65 20.39 -5.85 -24.55
C ARG D 65 21.33 -6.97 -24.02
N LYS D 66 21.82 -6.80 -22.81
CA LYS D 66 22.73 -7.76 -22.19
C LYS D 66 22.09 -9.11 -21.87
N VAL D 67 20.85 -9.11 -21.36
CA VAL D 67 20.16 -10.39 -21.05
C VAL D 67 19.84 -11.19 -22.33
N LYS D 68 19.58 -10.49 -23.46
CA LYS D 68 19.39 -11.20 -24.74
C LYS D 68 20.69 -11.87 -25.15
N ALA D 69 21.85 -11.21 -24.94
CA ALA D 69 23.18 -11.77 -25.23
C ALA D 69 23.42 -12.99 -24.30
N HIS D 70 22.96 -12.94 -23.03
CA HIS D 70 23.08 -14.12 -22.13
C HIS D 70 22.26 -15.28 -22.73
N SER D 71 21.01 -14.96 -23.15
CA SER D 71 20.11 -15.97 -23.73
C SER D 71 20.77 -16.65 -24.92
N GLN D 72 21.40 -15.85 -25.82
CA GLN D 72 22.13 -16.35 -27.00
C GLN D 72 23.26 -17.30 -26.62
N THR D 73 24.03 -16.99 -25.55
CA THR D 73 25.12 -17.87 -25.10
C THR D 73 24.54 -19.20 -24.61
N HIS D 74 23.47 -19.14 -23.80
CA HIS D 74 22.83 -20.35 -23.29
C HIS D 74 22.17 -21.24 -24.35
N ARG D 75 21.65 -20.63 -25.41
CA ARG D 75 21.12 -21.45 -26.49
C ARG D 75 22.22 -22.30 -27.15
N VAL D 76 23.40 -21.69 -27.35
CA VAL D 76 24.55 -22.40 -27.94
C VAL D 76 25.11 -23.42 -26.95
N ASP D 77 25.26 -23.03 -25.68
CA ASP D 77 25.81 -23.91 -24.61
C ASP D 77 25.10 -25.24 -24.52
N LEU D 78 23.76 -25.24 -24.65
CA LEU D 78 22.94 -26.46 -24.62
C LEU D 78 23.38 -27.44 -25.69
N GLY D 79 23.67 -26.95 -26.90
CA GLY D 79 24.17 -27.76 -28.01
C GLY D 79 25.58 -28.24 -27.77
N THR D 80 26.44 -27.35 -27.20
CA THR D 80 27.84 -27.68 -26.86
C THR D 80 27.93 -28.82 -25.87
N LEU D 81 27.18 -28.70 -24.75
CA LEU D 81 27.14 -29.70 -23.68
C LEU D 81 26.61 -31.03 -24.16
N ARG D 82 25.57 -31.00 -25.01
CA ARG D 82 24.99 -32.21 -25.63
C ARG D 82 26.08 -32.96 -26.40
N GLY D 83 26.95 -32.22 -27.10
CA GLY D 83 28.10 -32.77 -27.82
C GLY D 83 29.15 -33.33 -26.89
N TYR D 84 29.50 -32.59 -25.80
CA TYR D 84 30.51 -33.01 -24.81
C TYR D 84 30.12 -34.33 -24.14
N TYR D 85 28.82 -34.51 -23.84
CA TYR D 85 28.34 -35.72 -23.16
C TYR D 85 27.79 -36.78 -24.12
N ASN D 86 27.92 -36.54 -25.43
CA ASN D 86 27.45 -37.43 -26.50
C ASN D 86 25.96 -37.78 -26.28
N GLN D 87 25.12 -36.74 -26.09
CA GLN D 87 23.69 -36.94 -25.83
C GLN D 87 22.82 -36.74 -27.06
N SER D 88 21.68 -37.43 -27.07
CA SER D 88 20.69 -37.37 -28.14
C SER D 88 19.93 -36.04 -28.13
N GLU D 89 19.27 -35.72 -29.28
CA GLU D 89 18.47 -34.51 -29.47
C GLU D 89 17.10 -34.66 -28.79
N ALA D 90 16.68 -35.91 -28.53
CA ALA D 90 15.37 -36.30 -28.00
C ALA D 90 15.03 -35.85 -26.58
N GLY D 91 16.03 -35.73 -25.73
CA GLY D 91 15.84 -35.40 -24.31
C GLY D 91 15.98 -33.92 -23.96
N SER D 92 15.28 -33.51 -22.91
CA SER D 92 15.36 -32.13 -22.39
C SER D 92 16.49 -32.04 -21.40
N HIS D 93 17.27 -30.95 -21.45
CA HIS D 93 18.38 -30.73 -20.53
C HIS D 93 18.30 -29.33 -19.92
N THR D 94 18.98 -29.19 -18.78
CA THR D 94 18.91 -27.92 -18.09
C THR D 94 20.29 -27.38 -17.84
N VAL D 95 20.47 -26.10 -18.13
CA VAL D 95 21.69 -25.39 -17.78
C VAL D 95 21.29 -24.29 -16.80
N GLN D 96 22.07 -24.11 -15.73
CA GLN D 96 21.81 -23.04 -14.75
C GLN D 96 23.10 -22.29 -14.53
N ARG D 97 23.02 -20.99 -14.40
CA ARG D 97 24.19 -20.17 -14.14
C ARG D 97 23.83 -19.21 -13.03
N MET D 98 24.72 -19.01 -12.08
CA MET D 98 24.50 -18.03 -11.00
C MET D 98 25.79 -17.25 -10.89
N TYR D 99 25.66 -15.92 -10.72
CA TYR D 99 26.81 -15.06 -10.41
C TYR D 99 26.40 -13.91 -9.58
N GLY D 100 27.37 -13.34 -8.89
CA GLY D 100 27.07 -12.17 -8.06
C GLY D 100 28.17 -11.86 -7.09
N CYS D 101 27.88 -10.94 -6.17
CA CYS D 101 28.87 -10.41 -5.24
C CYS D 101 28.31 -10.18 -3.86
N ASP D 102 29.21 -10.27 -2.87
CA ASP D 102 28.91 -10.02 -1.47
C ASP D 102 29.69 -8.81 -1.02
N VAL D 103 29.04 -7.90 -0.25
CA VAL D 103 29.72 -6.73 0.38
C VAL D 103 29.54 -6.81 1.90
N GLY D 104 30.47 -6.22 2.68
CA GLY D 104 30.34 -6.22 4.12
C GLY D 104 29.43 -5.13 4.61
N SER D 105 29.42 -4.89 5.94
N SER D 105 29.42 -4.90 5.94
CA SER D 105 28.61 -3.84 6.56
CA SER D 105 28.61 -3.85 6.57
C SER D 105 29.04 -2.45 6.08
C SER D 105 29.05 -2.45 6.12
N ASP D 106 30.32 -2.34 5.68
CA ASP D 106 30.96 -1.12 5.18
C ASP D 106 30.78 -0.97 3.66
N TRP D 107 30.08 -1.94 3.03
CA TRP D 107 29.77 -2.04 1.60
C TRP D 107 30.99 -2.27 0.70
N ARG D 108 32.14 -2.70 1.24
CA ARG D 108 33.24 -3.02 0.33
C ARG D 108 33.18 -4.50 -0.03
N PHE D 109 33.76 -4.87 -1.16
CA PHE D 109 33.78 -6.24 -1.68
C PHE D 109 34.31 -7.24 -0.66
N LEU D 110 33.60 -8.37 -0.49
CA LEU D 110 33.98 -9.51 0.36
C LEU D 110 34.27 -10.74 -0.51
N ARG D 111 33.32 -11.11 -1.38
CA ARG D 111 33.41 -12.32 -2.21
C ARG D 111 32.65 -12.14 -3.52
N GLY D 112 33.09 -12.86 -4.55
CA GLY D 112 32.46 -12.96 -5.86
C GLY D 112 32.20 -14.42 -6.16
N TYR D 113 31.22 -14.69 -7.03
CA TYR D 113 30.80 -16.04 -7.43
C TYR D 113 30.45 -16.04 -8.90
N HIS D 114 30.73 -17.15 -9.55
CA HIS D 114 30.31 -17.42 -10.92
C HIS D 114 30.38 -18.92 -11.10
N GLN D 115 29.18 -19.50 -11.29
CA GLN D 115 29.12 -20.95 -11.37
C GLN D 115 28.03 -21.46 -12.26
N TYR D 116 28.24 -22.64 -12.76
CA TYR D 116 27.41 -23.28 -13.75
C TYR D 116 27.05 -24.71 -13.34
N ALA D 117 25.81 -25.15 -13.66
CA ALA D 117 25.35 -26.53 -13.43
C ALA D 117 24.72 -27.08 -14.70
N TYR D 118 24.89 -28.36 -14.96
CA TYR D 118 24.27 -29.02 -16.08
C TYR D 118 23.48 -30.18 -15.50
N ASP D 119 22.18 -30.22 -15.83
CA ASP D 119 21.25 -31.25 -15.34
C ASP D 119 21.28 -31.43 -13.83
N GLY D 120 21.35 -30.30 -13.12
CA GLY D 120 21.30 -30.28 -11.67
C GLY D 120 22.56 -30.61 -10.92
N LYS D 121 23.69 -30.78 -11.61
CA LYS D 121 24.96 -31.08 -10.98
C LYS D 121 25.98 -30.01 -11.38
N ASP D 122 26.91 -29.68 -10.44
CA ASP D 122 27.99 -28.74 -10.72
C ASP D 122 28.68 -29.08 -12.04
N TYR D 123 28.98 -28.04 -12.84
CA TYR D 123 29.71 -28.21 -14.07
C TYR D 123 31.05 -27.51 -13.93
N ILE D 124 31.02 -26.17 -13.79
CA ILE D 124 32.24 -25.37 -13.60
C ILE D 124 31.94 -24.20 -12.67
N ALA D 125 32.91 -23.82 -11.86
CA ALA D 125 32.75 -22.72 -10.94
C ALA D 125 34.03 -21.97 -10.79
N LEU D 126 33.90 -20.64 -10.70
CA LEU D 126 35.04 -19.77 -10.45
C LEU D 126 35.38 -19.93 -8.98
N LYS D 127 36.69 -20.15 -8.68
CA LYS D 127 37.13 -20.30 -7.30
C LYS D 127 37.11 -18.95 -6.56
N GLU D 128 37.17 -18.98 -5.21
CA GLU D 128 37.14 -17.78 -4.34
C GLU D 128 38.17 -16.71 -4.72
N ASP D 129 39.37 -17.13 -5.16
CA ASP D 129 40.40 -16.18 -5.56
C ASP D 129 40.07 -15.39 -6.85
N LEU D 130 39.01 -15.82 -7.60
CA LEU D 130 38.54 -15.24 -8.87
C LEU D 130 39.62 -15.32 -9.99
N ARG D 131 40.53 -16.31 -9.86
CA ARG D 131 41.68 -16.51 -10.77
C ARG D 131 41.82 -17.95 -11.28
N SER D 132 40.98 -18.87 -10.77
CA SER D 132 41.06 -20.30 -11.05
C SER D 132 39.68 -20.92 -11.12
N TRP D 133 39.60 -22.11 -11.73
CA TRP D 133 38.34 -22.84 -11.93
C TRP D 133 38.32 -24.22 -11.31
N THR D 134 37.10 -24.65 -10.89
CA THR D 134 36.81 -26.00 -10.42
C THR D 134 35.91 -26.63 -11.49
N ALA D 135 36.45 -27.65 -12.20
CA ALA D 135 35.75 -28.40 -13.24
C ALA D 135 35.34 -29.72 -12.60
N ALA D 136 34.02 -29.95 -12.50
CA ALA D 136 33.43 -31.09 -11.81
C ALA D 136 33.61 -32.46 -12.43
N ASP D 137 33.82 -32.54 -13.78
CA ASP D 137 34.01 -33.81 -14.49
C ASP D 137 34.92 -33.68 -15.71
N MET D 138 34.99 -34.74 -16.53
CA MET D 138 35.76 -34.82 -17.75
C MET D 138 35.41 -33.72 -18.77
N ALA D 139 34.13 -33.61 -19.14
CA ALA D 139 33.63 -32.58 -20.07
C ALA D 139 33.95 -31.17 -19.63
N ALA D 140 33.76 -30.84 -18.34
CA ALA D 140 34.05 -29.50 -17.83
C ALA D 140 35.53 -29.10 -17.94
N GLN D 141 36.47 -30.07 -18.02
CA GLN D 141 37.88 -29.72 -18.18
C GLN D 141 38.10 -29.03 -19.54
N THR D 142 37.36 -29.47 -20.59
CA THR D 142 37.37 -28.85 -21.93
C THR D 142 37.03 -27.35 -21.77
N THR D 143 35.93 -27.00 -21.10
CA THR D 143 35.59 -25.59 -20.85
C THR D 143 36.69 -24.89 -20.02
N LYS D 144 37.17 -25.54 -18.92
CA LYS D 144 38.23 -24.97 -18.06
C LYS D 144 39.44 -24.54 -18.91
N HIS D 145 39.93 -25.44 -19.79
CA HIS D 145 41.11 -25.17 -20.63
C HIS D 145 40.86 -24.03 -21.63
N LYS D 146 39.65 -24.00 -22.19
CA LYS D 146 39.25 -22.93 -23.11
C LYS D 146 39.20 -21.56 -22.41
N TRP D 147 38.63 -21.53 -21.21
CA TRP D 147 38.49 -20.33 -20.40
C TRP D 147 39.81 -19.82 -19.84
N GLU D 148 40.74 -20.75 -19.51
CA GLU D 148 42.08 -20.40 -19.05
C GLU D 148 42.84 -19.69 -20.19
N ALA D 149 42.76 -20.25 -21.42
CA ALA D 149 43.42 -19.73 -22.62
C ALA D 149 42.90 -18.36 -23.05
N ALA D 150 41.58 -18.15 -22.94
CA ALA D 150 40.92 -16.89 -23.30
C ALA D 150 40.86 -15.86 -22.16
N HIS D 151 41.53 -16.16 -21.01
CA HIS D 151 41.58 -15.30 -19.82
C HIS D 151 40.21 -14.79 -19.35
N VAL D 152 39.25 -15.72 -19.24
CA VAL D 152 37.86 -15.43 -18.90
C VAL D 152 37.74 -14.99 -17.43
N ALA D 153 38.52 -15.63 -16.52
CA ALA D 153 38.50 -15.30 -15.08
C ALA D 153 38.85 -13.83 -14.80
N GLU D 154 39.80 -13.25 -15.56
CA GLU D 154 40.19 -11.82 -15.40
C GLU D 154 39.00 -10.91 -15.72
N GLN D 155 38.26 -11.20 -16.78
CA GLN D 155 37.05 -10.46 -17.18
C GLN D 155 35.94 -10.59 -16.16
N LEU D 156 35.75 -11.78 -15.61
CA LEU D 156 34.72 -12.00 -14.57
C LEU D 156 35.11 -11.32 -13.27
N ARG D 157 36.38 -11.38 -12.89
CA ARG D 157 36.87 -10.70 -11.69
C ARG D 157 36.60 -9.19 -11.77
N ALA D 158 36.84 -8.56 -12.95
CA ALA D 158 36.61 -7.12 -13.17
C ALA D 158 35.15 -6.72 -12.95
N TYR D 159 34.22 -7.53 -13.48
CA TYR D 159 32.80 -7.31 -13.28
C TYR D 159 32.41 -7.47 -11.82
N LEU D 160 32.87 -8.56 -11.18
CA LEU D 160 32.48 -8.91 -9.81
C LEU D 160 32.99 -7.88 -8.79
N GLU D 161 34.19 -7.36 -8.96
CA GLU D 161 34.75 -6.34 -8.05
C GLU D 161 34.41 -4.90 -8.44
N GLY D 162 33.95 -4.70 -9.67
CA GLY D 162 33.61 -3.40 -10.23
C GLY D 162 32.12 -3.17 -10.33
N THR D 163 31.54 -3.41 -11.52
CA THR D 163 30.13 -3.20 -11.82
C THR D 163 29.21 -3.81 -10.77
N CYS D 164 29.46 -5.07 -10.40
CA CYS D 164 28.60 -5.79 -9.45
C CYS D 164 28.49 -5.03 -8.10
N VAL D 165 29.63 -4.70 -7.47
CA VAL D 165 29.66 -4.00 -6.18
C VAL D 165 29.09 -2.59 -6.34
N GLU D 166 29.48 -1.89 -7.42
CA GLU D 166 29.00 -0.54 -7.70
C GLU D 166 27.48 -0.53 -7.76
N TRP D 167 26.88 -1.43 -8.54
CA TRP D 167 25.43 -1.44 -8.70
C TRP D 167 24.68 -1.98 -7.50
N LEU D 168 25.28 -2.93 -6.79
CA LEU D 168 24.67 -3.39 -5.53
C LEU D 168 24.52 -2.20 -4.56
N ARG D 169 25.56 -1.39 -4.45
CA ARG D 169 25.54 -0.18 -3.63
C ARG D 169 24.45 0.79 -4.11
N ARG D 170 24.37 1.03 -5.43
CA ARG D 170 23.35 1.94 -5.98
C ARG D 170 21.93 1.45 -5.67
N TYR D 171 21.68 0.16 -5.79
CA TYR D 171 20.36 -0.43 -5.53
C TYR D 171 20.03 -0.31 -4.04
N LEU D 172 21.03 -0.53 -3.20
CA LEU D 172 20.82 -0.38 -1.75
C LEU D 172 20.42 1.02 -1.38
N GLU D 173 21.01 2.03 -2.06
CA GLU D 173 20.71 3.45 -1.82
C GLU D 173 19.31 3.78 -2.34
N ASN D 174 19.04 3.40 -3.60
CA ASN D 174 17.72 3.63 -4.22
C ASN D 174 16.58 2.94 -3.52
N GLY D 175 16.78 1.70 -3.07
CA GLY D 175 15.76 0.92 -2.39
C GLY D 175 15.89 0.89 -0.88
N LYS D 176 16.54 1.94 -0.30
CA LYS D 176 16.82 2.05 1.13
C LYS D 176 15.68 1.66 2.05
N GLU D 177 14.48 2.22 1.83
CA GLU D 177 13.35 1.93 2.71
C GLU D 177 13.00 0.44 2.78
N THR D 178 13.22 -0.30 1.68
CA THR D 178 12.95 -1.75 1.54
C THR D 178 14.16 -2.59 1.91
N LEU D 179 15.29 -2.29 1.29
CA LEU D 179 16.49 -3.12 1.37
C LEU D 179 17.32 -2.95 2.62
N GLN D 180 17.35 -1.74 3.17
CA GLN D 180 18.18 -1.49 4.36
C GLN D 180 17.39 -1.66 5.64
N ARG D 181 16.18 -2.22 5.53
CA ARG D 181 15.32 -2.41 6.65
C ARG D 181 15.59 -3.72 7.33
N THR D 182 15.25 -3.78 8.59
CA THR D 182 15.29 -5.05 9.30
C THR D 182 13.92 -5.09 9.97
N ASP D 183 13.14 -6.15 9.64
CA ASP D 183 11.81 -6.35 10.22
C ASP D 183 11.98 -7.53 11.18
N ALA D 184 11.93 -7.24 12.50
CA ALA D 184 12.11 -8.31 13.48
C ALA D 184 10.88 -9.23 13.45
N PRO D 185 11.08 -10.51 13.70
CA PRO D 185 9.92 -11.42 13.69
C PRO D 185 8.91 -11.08 14.77
N LYS D 186 7.64 -11.22 14.40
CA LYS D 186 6.53 -11.15 15.35
C LYS D 186 6.41 -12.64 15.77
N THR D 187 6.48 -12.93 17.08
CA THR D 187 6.50 -14.32 17.53
C THR D 187 5.33 -14.68 18.44
N HIS D 188 4.91 -15.95 18.36
CA HIS D 188 3.85 -16.53 19.21
C HIS D 188 3.97 -18.02 19.21
N MET D 189 3.23 -18.59 20.16
CA MET D 189 3.24 -20.02 20.36
C MET D 189 1.81 -20.50 20.36
N THR D 190 1.59 -21.70 19.80
CA THR D 190 0.27 -22.32 19.83
C THR D 190 0.40 -23.66 20.56
N HIS D 191 -0.69 -24.09 21.18
CA HIS D 191 -0.74 -25.33 21.91
C HIS D 191 -2.00 -26.09 21.49
N HIS D 192 -1.75 -27.30 21.02
CA HIS D 192 -2.82 -28.19 20.60
C HIS D 192 -2.57 -29.58 21.17
N ALA D 193 -3.61 -30.13 21.78
CA ALA D 193 -3.56 -31.51 22.24
C ALA D 193 -3.73 -32.48 21.07
N VAL D 194 -2.78 -33.43 20.92
CA VAL D 194 -2.79 -34.46 19.88
C VAL D 194 -3.63 -35.64 20.41
N SER D 195 -3.45 -35.95 21.70
CA SER D 195 -4.15 -37.00 22.45
C SER D 195 -4.41 -36.48 23.86
N ASP D 196 -4.65 -37.40 24.80
CA ASP D 196 -4.88 -37.13 26.21
C ASP D 196 -3.57 -36.92 26.94
N HIS D 197 -2.48 -37.53 26.45
CA HIS D 197 -1.17 -37.51 27.10
C HIS D 197 -0.14 -36.55 26.47
N GLU D 198 -0.46 -35.97 25.29
CA GLU D 198 0.53 -35.15 24.59
C GLU D 198 -0.11 -33.94 23.93
N ALA D 199 0.72 -32.93 23.65
CA ALA D 199 0.30 -31.71 22.97
C ALA D 199 1.44 -31.19 22.13
N THR D 200 1.09 -30.53 21.04
CA THR D 200 2.09 -29.92 20.15
C THR D 200 2.27 -28.49 20.61
N LEU D 201 3.54 -28.08 20.82
CA LEU D 201 3.85 -26.68 21.04
C LEU D 201 4.51 -26.21 19.74
N ARG D 202 3.95 -25.17 19.11
CA ARG D 202 4.52 -24.67 17.87
C ARG D 202 4.92 -23.23 18.07
N CYS D 203 6.19 -22.90 17.77
CA CYS D 203 6.78 -21.61 17.94
C CYS D 203 6.84 -20.95 16.57
N TRP D 204 6.17 -19.80 16.44
CA TRP D 204 6.12 -19.10 15.13
C TRP D 204 6.94 -17.86 15.08
N ALA D 205 7.53 -17.61 13.89
CA ALA D 205 8.19 -16.34 13.59
C ALA D 205 7.54 -15.83 12.30
N LEU D 206 6.95 -14.59 12.36
CA LEU D 206 6.25 -14.07 11.19
C LEU D 206 6.71 -12.68 10.81
N SER D 207 6.50 -12.35 9.52
CA SER D 207 6.71 -10.99 9.02
C SER D 207 8.12 -10.44 9.26
N PHE D 208 9.14 -11.30 9.10
CA PHE D 208 10.52 -10.86 9.27
C PHE D 208 11.25 -10.67 7.94
N TYR D 209 12.30 -9.89 8.00
CA TYR D 209 13.17 -9.61 6.88
C TYR D 209 14.50 -9.14 7.48
N PRO D 210 15.67 -9.65 7.00
CA PRO D 210 15.85 -10.64 5.93
C PRO D 210 15.44 -12.05 6.35
N ALA D 211 15.57 -13.00 5.42
CA ALA D 211 15.12 -14.38 5.67
C ALA D 211 15.88 -15.15 6.71
N GLU D 212 17.17 -14.86 6.91
CA GLU D 212 18.03 -15.59 7.85
C GLU D 212 17.45 -15.52 9.26
N ILE D 213 17.25 -16.68 9.88
CA ILE D 213 16.70 -16.78 11.23
C ILE D 213 17.08 -18.13 11.82
N THR D 214 17.11 -18.20 13.14
CA THR D 214 17.34 -19.46 13.86
C THR D 214 16.22 -19.61 14.86
N LEU D 215 15.52 -20.77 14.79
CA LEU D 215 14.38 -21.14 15.64
C LEU D 215 14.69 -22.50 16.22
N THR D 216 14.84 -22.58 17.55
CA THR D 216 15.15 -23.88 18.16
C THR D 216 14.32 -24.08 19.41
N TRP D 217 14.15 -25.34 19.81
CA TRP D 217 13.49 -25.69 21.05
C TRP D 217 14.52 -26.36 21.97
N GLN D 218 14.42 -26.08 23.25
CA GLN D 218 15.20 -26.72 24.31
C GLN D 218 14.27 -27.29 25.37
N ARG D 219 14.66 -28.43 25.98
CA ARG D 219 13.93 -29.01 27.10
C ARG D 219 14.92 -28.99 28.27
N ASP D 220 14.61 -28.23 29.34
CA ASP D 220 15.53 -28.00 30.47
C ASP D 220 16.90 -27.52 29.94
N GLY D 221 16.88 -26.63 28.92
CA GLY D 221 18.08 -26.11 28.31
C GLY D 221 18.83 -27.06 27.38
N GLU D 222 18.31 -28.29 27.16
CA GLU D 222 18.97 -29.23 26.25
C GLU D 222 18.35 -29.19 24.86
N ASP D 223 19.19 -29.17 23.81
CA ASP D 223 18.74 -29.09 22.42
C ASP D 223 17.86 -30.26 21.99
N GLN D 224 16.76 -29.95 21.31
CA GLN D 224 15.76 -30.95 20.89
C GLN D 224 15.74 -31.10 19.35
N THR D 225 16.89 -30.96 18.70
CA THR D 225 17.01 -31.01 17.23
C THR D 225 16.31 -32.22 16.61
N GLN D 226 16.61 -33.44 17.14
CA GLN D 226 16.07 -34.72 16.66
C GLN D 226 14.56 -34.82 16.84
N ASP D 227 13.99 -34.05 17.78
CA ASP D 227 12.57 -34.12 18.10
C ASP D 227 11.80 -32.88 17.67
N THR D 228 12.45 -31.97 16.91
CA THR D 228 11.78 -30.76 16.46
C THR D 228 11.38 -30.93 15.01
N GLU D 229 10.16 -30.52 14.67
CA GLU D 229 9.70 -30.45 13.28
C GLU D 229 9.98 -28.98 12.91
N LEU D 230 10.92 -28.74 11.99
CA LEU D 230 11.31 -27.38 11.60
C LEU D 230 11.01 -27.25 10.11
N VAL D 231 10.18 -26.26 9.73
CA VAL D 231 9.87 -26.09 8.32
C VAL D 231 10.89 -25.19 7.70
N GLU D 232 11.03 -25.30 6.37
CA GLU D 232 11.91 -24.39 5.65
C GLU D 232 11.36 -22.97 5.75
N THR D 233 12.24 -21.96 5.86
CA THR D 233 11.79 -20.57 5.87
C THR D 233 11.07 -20.29 4.54
N ARG D 234 9.89 -19.65 4.62
CA ARG D 234 9.05 -19.53 3.45
C ARG D 234 8.58 -18.09 3.23
N PRO D 235 8.38 -17.70 1.97
CA PRO D 235 7.97 -16.33 1.71
C PRO D 235 6.50 -16.10 2.05
N ALA D 236 6.19 -14.95 2.66
CA ALA D 236 4.76 -14.65 2.91
C ALA D 236 4.05 -14.13 1.63
N GLY D 237 4.84 -13.62 0.68
CA GLY D 237 4.37 -13.07 -0.59
C GLY D 237 4.36 -11.56 -0.64
N ASP D 238 4.61 -10.91 0.53
CA ASP D 238 4.59 -9.45 0.65
C ASP D 238 6.02 -8.90 0.93
N GLY D 239 7.03 -9.72 0.67
CA GLY D 239 8.42 -9.32 0.88
C GLY D 239 8.97 -9.75 2.23
N THR D 240 8.11 -10.35 3.07
CA THR D 240 8.57 -10.86 4.35
C THR D 240 8.60 -12.42 4.34
N PHE D 241 9.10 -13.00 5.45
CA PHE D 241 9.26 -14.44 5.58
C PHE D 241 8.61 -14.97 6.83
N GLN D 242 8.39 -16.30 6.84
CA GLN D 242 7.80 -17.02 7.98
C GLN D 242 8.58 -18.26 8.27
N LYS D 243 8.48 -18.74 9.50
CA LYS D 243 9.06 -20.05 9.86
C LYS D 243 8.39 -20.49 11.16
N TRP D 244 8.38 -21.80 11.38
CA TRP D 244 7.90 -22.34 12.66
C TRP D 244 8.68 -23.56 13.03
N ALA D 245 8.67 -23.93 14.32
CA ALA D 245 9.35 -25.12 14.85
C ALA D 245 8.37 -25.72 15.85
N ALA D 246 8.13 -27.03 15.80
CA ALA D 246 7.21 -27.63 16.75
C ALA D 246 7.81 -28.83 17.47
N VAL D 247 7.34 -29.08 18.70
CA VAL D 247 7.76 -30.24 19.49
C VAL D 247 6.50 -30.87 20.08
N VAL D 248 6.54 -32.17 20.29
CA VAL D 248 5.47 -32.90 20.97
C VAL D 248 5.87 -33.01 22.45
N VAL D 249 5.05 -32.39 23.30
CA VAL D 249 5.27 -32.25 24.75
C VAL D 249 4.34 -33.20 25.52
N PRO D 250 4.86 -34.14 26.34
CA PRO D 250 3.94 -34.96 27.15
C PRO D 250 3.19 -34.00 28.07
N SER D 251 1.83 -34.06 28.10
CA SER D 251 0.97 -33.18 28.90
C SER D 251 1.49 -32.99 30.33
N GLY D 252 1.57 -31.74 30.78
CA GLY D 252 2.12 -31.39 32.09
C GLY D 252 3.58 -30.97 32.09
N GLN D 253 4.30 -31.18 30.97
CA GLN D 253 5.74 -30.81 30.83
C GLN D 253 5.98 -29.48 30.08
N GLU D 254 4.90 -28.72 29.75
CA GLU D 254 5.01 -27.45 29.01
C GLU D 254 6.10 -26.49 29.53
N GLN D 255 6.19 -26.32 30.85
CA GLN D 255 7.15 -25.44 31.52
C GLN D 255 8.63 -25.80 31.29
N ARG D 256 8.91 -27.06 30.90
CA ARG D 256 10.30 -27.50 30.65
C ARG D 256 10.84 -27.00 29.32
N TYR D 257 9.95 -26.63 28.39
CA TYR D 257 10.31 -26.28 27.03
C TYR D 257 10.43 -24.79 26.77
N THR D 258 11.48 -24.39 26.04
CA THR D 258 11.69 -22.98 25.68
C THR D 258 12.00 -22.91 24.21
N CYS D 259 11.44 -21.89 23.54
CA CYS D 259 11.69 -21.67 22.12
C CYS D 259 12.64 -20.50 22.01
N HIS D 260 13.66 -20.63 21.14
CA HIS D 260 14.70 -19.63 21.00
C HIS D 260 14.72 -19.05 19.61
N VAL D 261 14.67 -17.72 19.56
CA VAL D 261 14.59 -16.99 18.30
C VAL D 261 15.79 -16.06 18.18
N GLN D 262 16.52 -16.18 17.07
CA GLN D 262 17.66 -15.32 16.74
C GLN D 262 17.42 -14.71 15.38
N HIS D 263 17.55 -13.38 15.28
CA HIS D 263 17.36 -12.66 14.02
C HIS D 263 18.12 -11.32 14.13
N GLU D 264 18.49 -10.78 12.97
CA GLU D 264 19.23 -9.53 12.92
C GLU D 264 18.41 -8.36 13.50
N GLY D 265 17.08 -8.45 13.39
CA GLY D 265 16.17 -7.41 13.88
C GLY D 265 15.96 -7.39 15.37
N LEU D 266 16.36 -8.47 16.07
CA LEU D 266 16.17 -8.57 17.51
C LEU D 266 17.41 -8.06 18.25
N PRO D 267 17.29 -7.06 19.16
CA PRO D 267 18.49 -6.58 19.89
C PRO D 267 19.15 -7.66 20.73
N LYS D 268 18.33 -8.61 21.22
CA LYS D 268 18.74 -9.74 22.00
C LYS D 268 17.95 -10.97 21.54
N PRO D 269 18.57 -12.18 21.51
CA PRO D 269 17.78 -13.37 21.16
C PRO D 269 16.62 -13.57 22.13
N LEU D 270 15.45 -13.99 21.63
CA LEU D 270 14.25 -14.18 22.44
C LEU D 270 14.17 -15.59 22.98
N THR D 271 13.64 -15.72 24.19
CA THR D 271 13.33 -17.00 24.82
C THR D 271 11.84 -16.94 25.09
N LEU D 272 11.07 -17.86 24.50
CA LEU D 272 9.62 -17.93 24.67
C LEU D 272 9.24 -19.23 25.41
N ARG D 273 8.26 -19.14 26.31
CA ARG D 273 7.81 -20.32 27.08
C ARG D 273 6.30 -20.31 27.07
N TRP D 274 5.68 -21.49 27.19
CA TRP D 274 4.24 -21.59 27.28
C TRP D 274 3.94 -21.45 28.78
N GLU D 275 3.38 -20.30 29.16
CA GLU D 275 3.04 -20.00 30.56
C GLU D 275 1.97 -18.90 30.65
N MET E 1 19.67 -39.23 -14.88
CA MET E 1 19.69 -37.81 -14.55
C MET E 1 19.15 -37.54 -13.14
N ILE E 2 19.66 -36.47 -12.51
CA ILE E 2 19.24 -36.00 -11.18
C ILE E 2 17.75 -35.68 -11.17
N GLN E 3 17.05 -36.18 -10.15
CA GLN E 3 15.64 -35.88 -9.92
C GLN E 3 15.48 -35.66 -8.46
N ARG E 4 14.96 -34.47 -8.07
CA ARG E 4 14.74 -34.12 -6.67
C ARG E 4 13.29 -33.80 -6.46
N THR E 5 12.69 -34.37 -5.41
CA THR E 5 11.28 -34.22 -5.12
C THR E 5 10.94 -32.87 -4.53
N PRO E 6 9.85 -32.22 -5.00
CA PRO E 6 9.48 -30.93 -4.37
C PRO E 6 9.03 -31.10 -2.92
N LYS E 7 9.49 -30.21 -2.06
CA LYS E 7 8.98 -30.00 -0.70
C LYS E 7 7.78 -29.07 -0.95
N ILE E 8 6.69 -29.22 -0.18
CA ILE E 8 5.46 -28.46 -0.39
C ILE E 8 5.00 -27.88 0.94
N GLN E 9 4.67 -26.59 0.95
CA GLN E 9 4.05 -25.98 2.14
C GLN E 9 2.86 -25.19 1.63
N VAL E 10 1.69 -25.35 2.27
CA VAL E 10 0.50 -24.59 1.93
C VAL E 10 0.13 -23.79 3.19
N TYR E 11 -0.05 -22.49 3.04
CA TYR E 11 -0.24 -21.63 4.20
C TYR E 11 -0.78 -20.27 3.75
N SER E 12 -1.22 -19.50 4.73
CA SER E 12 -1.73 -18.17 4.42
C SER E 12 -0.69 -17.08 4.70
N ARG E 13 -0.81 -15.95 3.97
CA ARG E 13 0.13 -14.85 4.19
C ARG E 13 0.03 -14.28 5.62
N HIS E 14 -1.22 -14.09 6.10
CA HIS E 14 -1.50 -13.55 7.44
C HIS E 14 -2.05 -14.70 8.29
N PRO E 15 -1.95 -14.67 9.65
CA PRO E 15 -2.74 -15.64 10.43
C PRO E 15 -4.21 -15.61 10.02
N ALA E 16 -4.78 -16.78 9.80
CA ALA E 16 -6.16 -16.84 9.30
C ALA E 16 -7.15 -16.35 10.34
N GLU E 17 -8.10 -15.50 9.91
CA GLU E 17 -9.22 -15.00 10.73
C GLU E 17 -10.44 -15.13 9.83
N ASN E 18 -11.43 -15.91 10.24
CA ASN E 18 -12.60 -16.13 9.42
C ASN E 18 -13.25 -14.82 8.97
N GLY E 19 -13.50 -14.71 7.67
CA GLY E 19 -14.14 -13.52 7.11
C GLY E 19 -13.23 -12.36 6.80
N LYS E 20 -11.90 -12.51 7.01
CA LYS E 20 -10.95 -11.43 6.72
C LYS E 20 -10.07 -11.84 5.55
N SER E 21 -9.88 -10.90 4.60
CA SER E 21 -9.11 -11.12 3.36
C SER E 21 -7.70 -11.58 3.64
N ASN E 22 -7.14 -12.35 2.71
CA ASN E 22 -5.81 -12.91 2.93
C ASN E 22 -5.27 -13.43 1.60
N PHE E 23 -4.12 -14.14 1.64
CA PHE E 23 -3.58 -14.80 0.46
C PHE E 23 -3.29 -16.23 0.85
N LEU E 24 -3.62 -17.20 -0.05
CA LEU E 24 -3.32 -18.60 0.13
C LEU E 24 -2.10 -18.88 -0.69
N ASN E 25 -1.07 -19.41 -0.06
CA ASN E 25 0.19 -19.71 -0.73
C ASN E 25 0.51 -21.16 -0.82
N CYS E 26 1.22 -21.56 -1.90
CA CYS E 26 1.77 -22.92 -1.97
C CYS E 26 3.20 -22.77 -2.43
N TYR E 27 4.12 -23.04 -1.52
CA TYR E 27 5.54 -22.90 -1.78
C TYR E 27 6.11 -24.25 -2.10
N VAL E 28 6.69 -24.39 -3.31
CA VAL E 28 7.29 -25.65 -3.74
C VAL E 28 8.78 -25.40 -3.92
N SER E 29 9.60 -26.23 -3.31
CA SER E 29 11.02 -25.97 -3.35
C SER E 29 11.82 -27.26 -3.36
N GLY E 30 13.11 -27.15 -3.62
CA GLY E 30 13.99 -28.31 -3.60
C GLY E 30 13.85 -29.31 -4.74
N PHE E 31 13.16 -28.93 -5.85
CA PHE E 31 12.89 -29.84 -6.95
C PHE E 31 13.82 -29.69 -8.15
N HIS E 32 13.92 -30.79 -8.95
CA HIS E 32 14.72 -30.85 -10.16
C HIS E 32 14.28 -32.10 -10.93
N PRO E 33 13.96 -31.93 -12.21
CA PRO E 33 14.04 -30.74 -13.08
C PRO E 33 12.93 -29.71 -12.83
N SER E 34 12.93 -28.61 -13.63
CA SER E 34 12.04 -27.47 -13.40
C SER E 34 10.56 -27.65 -13.76
N ASP E 35 10.22 -28.60 -14.62
CA ASP E 35 8.81 -28.77 -15.02
C ASP E 35 8.03 -29.24 -13.82
N ILE E 36 6.98 -28.48 -13.43
CA ILE E 36 6.16 -28.83 -12.29
C ILE E 36 4.75 -28.30 -12.50
N GLU E 37 3.76 -29.01 -11.97
CA GLU E 37 2.36 -28.58 -12.06
C GLU E 37 1.89 -28.30 -10.64
N VAL E 38 1.39 -27.08 -10.38
CA VAL E 38 0.92 -26.73 -9.05
C VAL E 38 -0.44 -26.08 -9.18
N ASP E 39 -1.42 -26.63 -8.40
CA ASP E 39 -2.79 -26.07 -8.36
C ASP E 39 -3.20 -25.83 -6.95
N LEU E 40 -3.97 -24.78 -6.72
CA LEU E 40 -4.58 -24.51 -5.43
C LEU E 40 -6.02 -24.96 -5.57
N LEU E 41 -6.54 -25.64 -4.54
CA LEU E 41 -7.89 -26.22 -4.58
C LEU E 41 -8.79 -25.59 -3.50
N LYS E 42 -10.07 -25.38 -3.84
CA LYS E 42 -11.07 -24.88 -2.89
C LYS E 42 -12.16 -25.92 -2.90
N ASN E 43 -12.35 -26.60 -1.74
CA ASN E 43 -13.33 -27.69 -1.62
C ASN E 43 -13.16 -28.72 -2.76
N GLY E 44 -11.89 -29.04 -3.07
CA GLY E 44 -11.51 -30.01 -4.10
C GLY E 44 -11.47 -29.53 -5.54
N GLU E 45 -11.90 -28.28 -5.79
CA GLU E 45 -11.93 -27.74 -7.16
C GLU E 45 -10.80 -26.78 -7.41
N ARG E 46 -10.18 -26.90 -8.59
CA ARG E 46 -9.04 -26.04 -8.98
C ARG E 46 -9.48 -24.58 -9.01
N ILE E 47 -8.69 -23.72 -8.35
CA ILE E 47 -8.91 -22.27 -8.35
C ILE E 47 -8.22 -21.71 -9.63
N GLU E 48 -8.97 -20.94 -10.44
CA GLU E 48 -8.48 -20.43 -11.72
C GLU E 48 -7.52 -19.26 -11.62
N LYS E 49 -7.81 -18.29 -10.74
CA LYS E 49 -6.96 -17.11 -10.66
C LYS E 49 -5.83 -17.35 -9.70
N VAL E 50 -4.78 -18.04 -10.18
CA VAL E 50 -3.58 -18.35 -9.37
C VAL E 50 -2.36 -17.81 -10.09
N GLU E 51 -1.54 -17.02 -9.37
CA GLU E 51 -0.32 -16.45 -9.93
C GLU E 51 0.88 -17.16 -9.36
N HIS E 52 2.07 -16.96 -9.97
CA HIS E 52 3.27 -17.56 -9.43
C HIS E 52 4.48 -16.66 -9.62
N SER E 53 5.44 -16.94 -8.72
CA SER E 53 6.71 -16.23 -8.79
C SER E 53 7.57 -16.66 -9.98
N ASP E 54 8.58 -15.84 -10.30
CA ASP E 54 9.48 -16.19 -11.39
C ASP E 54 10.44 -17.30 -10.94
N LEU E 55 10.70 -18.27 -11.82
CA LEU E 55 11.56 -19.42 -11.52
C LEU E 55 12.95 -19.00 -11.03
N SER E 56 13.31 -19.50 -9.86
CA SER E 56 14.62 -19.21 -9.26
C SER E 56 15.14 -20.50 -8.64
N PHE E 57 16.37 -20.48 -8.15
CA PHE E 57 16.90 -21.67 -7.54
C PHE E 57 17.83 -21.37 -6.37
N SER E 58 18.05 -22.41 -5.54
CA SER E 58 18.88 -22.31 -4.35
C SER E 58 20.37 -22.59 -4.66
N LYS E 59 21.23 -22.48 -3.63
CA LYS E 59 22.66 -22.73 -3.77
C LYS E 59 22.96 -24.14 -4.29
N ASP E 60 22.14 -25.14 -3.91
CA ASP E 60 22.31 -26.53 -4.35
C ASP E 60 21.72 -26.80 -5.76
N TRP E 61 21.28 -25.73 -6.47
CA TRP E 61 20.68 -25.77 -7.82
C TRP E 61 19.22 -26.18 -7.85
N SER E 62 18.64 -26.59 -6.72
CA SER E 62 17.22 -27.00 -6.77
C SER E 62 16.29 -25.78 -6.89
N PHE E 63 15.18 -25.95 -7.61
CA PHE E 63 14.26 -24.85 -7.92
C PHE E 63 13.28 -24.55 -6.83
N TYR E 64 12.72 -23.34 -6.85
CA TYR E 64 11.63 -23.00 -5.95
C TYR E 64 10.68 -22.06 -6.64
N LEU E 65 9.41 -22.15 -6.26
CA LEU E 65 8.34 -21.30 -6.79
C LEU E 65 7.32 -21.07 -5.69
N LEU E 66 6.70 -19.89 -5.71
CA LEU E 66 5.57 -19.59 -4.83
C LEU E 66 4.34 -19.40 -5.72
N TYR E 67 3.26 -20.19 -5.49
CA TYR E 67 1.96 -20.02 -6.17
C TYR E 67 1.03 -19.38 -5.16
N TYR E 68 0.20 -18.41 -5.59
CA TYR E 68 -0.61 -17.68 -4.62
C TYR E 68 -1.90 -17.18 -5.19
N THR E 69 -2.91 -17.00 -4.32
CA THR E 69 -4.18 -16.46 -4.75
C THR E 69 -4.81 -15.70 -3.63
N GLU E 70 -5.66 -14.73 -3.95
CA GLU E 70 -6.41 -14.05 -2.87
C GLU E 70 -7.51 -15.00 -2.37
N PHE E 71 -7.77 -14.99 -1.06
CA PHE E 71 -8.89 -15.74 -0.48
C PHE E 71 -9.30 -15.15 0.86
N THR E 72 -10.53 -15.47 1.30
CA THR E 72 -11.07 -15.06 2.59
C THR E 72 -11.44 -16.38 3.27
N PRO E 73 -10.65 -16.84 4.25
CA PRO E 73 -10.95 -18.14 4.88
C PRO E 73 -12.25 -18.08 5.66
N THR E 74 -12.91 -19.22 5.77
CA THR E 74 -14.13 -19.37 6.56
C THR E 74 -13.93 -20.61 7.45
N GLU E 75 -14.86 -20.84 8.38
CA GLU E 75 -14.77 -22.01 9.25
C GLU E 75 -14.86 -23.32 8.43
N LYS E 76 -15.76 -23.36 7.44
CA LYS E 76 -16.13 -24.53 6.62
C LYS E 76 -15.37 -24.80 5.33
N ASP E 77 -14.84 -23.76 4.65
CA ASP E 77 -14.13 -23.99 3.39
C ASP E 77 -12.78 -24.65 3.58
N GLU E 78 -12.53 -25.69 2.78
CA GLU E 78 -11.30 -26.46 2.78
C GLU E 78 -10.43 -26.06 1.62
N TYR E 79 -9.15 -25.87 1.88
CA TYR E 79 -8.18 -25.54 0.86
C TYR E 79 -7.04 -26.54 0.80
N ALA E 80 -6.40 -26.65 -0.36
CA ALA E 80 -5.28 -27.57 -0.54
C ALA E 80 -4.39 -27.13 -1.69
N CYS E 81 -3.20 -27.72 -1.78
CA CYS E 81 -2.29 -27.52 -2.88
C CYS E 81 -2.03 -28.90 -3.51
N ARG E 82 -2.11 -29.00 -4.84
CA ARG E 82 -1.92 -30.28 -5.53
C ARG E 82 -0.72 -30.13 -6.44
N VAL E 83 0.30 -31.01 -6.26
CA VAL E 83 1.53 -30.86 -7.01
C VAL E 83 1.83 -32.10 -7.83
N ASN E 84 2.28 -31.91 -9.09
CA ASN E 84 2.73 -33.04 -9.90
C ASN E 84 4.12 -32.78 -10.43
N HIS E 85 4.96 -33.83 -10.43
CA HIS E 85 6.35 -33.72 -10.81
C HIS E 85 6.81 -35.12 -11.21
N VAL E 86 7.91 -35.18 -11.97
CA VAL E 86 8.37 -36.51 -12.44
C VAL E 86 8.73 -37.48 -11.26
N THR E 87 9.16 -36.91 -10.12
CA THR E 87 9.53 -37.67 -8.93
C THR E 87 8.31 -38.28 -8.20
N LEU E 88 7.10 -37.84 -8.57
CA LEU E 88 5.87 -38.28 -7.90
C LEU E 88 5.13 -39.33 -8.72
N SER E 89 4.73 -40.45 -8.08
CA SER E 89 4.01 -41.52 -8.79
C SER E 89 2.60 -41.10 -9.14
N GLN E 90 2.07 -40.15 -8.36
CA GLN E 90 0.74 -39.55 -8.55
C GLN E 90 0.83 -38.15 -7.96
N PRO E 91 -0.09 -37.23 -8.31
CA PRO E 91 -0.04 -35.91 -7.66
C PRO E 91 -0.16 -35.98 -6.15
N LYS E 92 0.59 -35.10 -5.46
CA LYS E 92 0.58 -35.01 -4.00
C LYS E 92 -0.35 -33.88 -3.61
N ILE E 93 -1.33 -34.16 -2.75
CA ILE E 93 -2.28 -33.15 -2.28
C ILE E 93 -1.93 -32.85 -0.82
N VAL E 94 -1.64 -31.57 -0.52
CA VAL E 94 -1.34 -31.17 0.85
C VAL E 94 -2.48 -30.26 1.30
N LYS E 95 -3.19 -30.64 2.38
CA LYS E 95 -4.29 -29.81 2.86
C LYS E 95 -3.81 -28.58 3.64
N TRP E 96 -4.50 -27.44 3.47
CA TRP E 96 -4.18 -26.26 4.26
C TRP E 96 -4.65 -26.44 5.70
N ASP E 97 -3.74 -26.21 6.67
CA ASP E 97 -4.07 -26.22 8.10
C ASP E 97 -3.70 -24.82 8.56
N ARG E 98 -4.67 -24.07 9.12
CA ARG E 98 -4.39 -22.69 9.54
C ARG E 98 -3.26 -22.50 10.59
N ASP E 99 -2.91 -23.58 11.30
N ASP E 99 -2.89 -23.57 11.30
CA ASP E 99 -1.83 -23.54 12.27
CA ASP E 99 -1.80 -23.44 12.25
C ASP E 99 -0.55 -24.24 11.77
C ASP E 99 -0.52 -24.14 11.79
N MET E 100 -0.31 -24.25 10.44
CA MET E 100 0.91 -24.83 9.85
C MET E 100 1.44 -24.01 8.65
N LYS F 1 23.14 -4.64 -12.07
CA LYS F 1 23.38 -4.76 -13.50
C LYS F 1 24.02 -6.06 -13.84
N VAL F 2 23.53 -6.72 -14.90
CA VAL F 2 24.12 -7.99 -15.37
C VAL F 2 25.47 -7.72 -16.10
N ALA F 3 26.27 -8.78 -16.27
CA ALA F 3 27.55 -8.72 -16.96
C ALA F 3 27.43 -8.34 -18.45
N GLU F 4 28.43 -7.61 -18.97
CA GLU F 4 28.49 -7.14 -20.36
C GLU F 4 28.98 -8.19 -21.33
N ILE F 5 29.90 -9.05 -20.90
CA ILE F 5 30.46 -10.09 -21.78
C ILE F 5 30.11 -11.45 -21.18
N VAL F 6 29.61 -12.39 -22.03
CA VAL F 6 29.20 -13.74 -21.62
C VAL F 6 29.89 -14.79 -22.54
N HIS F 7 30.97 -15.38 -22.06
CA HIS F 7 31.71 -16.40 -22.78
C HIS F 7 31.04 -17.74 -22.92
N PHE F 8 31.28 -18.45 -24.03
CA PHE F 8 30.62 -19.72 -24.33
C PHE F 8 31.33 -20.90 -23.68
N LEU F 9 30.57 -21.94 -23.24
CA LEU F 9 31.13 -23.14 -22.59
C LEU F 9 31.98 -23.93 -23.56
#